data_8YXI
#
_entry.id   8YXI
#
_cell.length_a   195.753
_cell.length_b   65.906
_cell.length_c   73.738
_cell.angle_alpha   90.00
_cell.angle_beta   105.38
_cell.angle_gamma   90.00
#
_symmetry.space_group_name_H-M   'C 1 2 1'
#
loop_
_entity.id
_entity.type
_entity.pdbx_description
1 polymer 'heavy chain'
2 polymer 'light chain'
3 polymer 'Envelopment polyprotein'
4 branched alpha-D-mannopyranose-(1-4)-2-acetamido-2-deoxy-beta-D-glucopyranose-(1-4)-2-acetamido-2-deoxy-beta-D-glucopyranose
5 branched 2-acetamido-2-deoxy-beta-D-glucopyranose-(1-4)-2-acetamido-2-deoxy-beta-D-glucopyranose
6 water water
#
loop_
_entity_poly.entity_id
_entity_poly.type
_entity_poly.pdbx_seq_one_letter_code
_entity_poly.pdbx_strand_id
1 'polypeptide(L)'
;EVQLQQSGAELVKPGASVKLSCKASGYTFTSHYMYWVKQRPGQGPEWIGEINPTNGGTKFNEKFKSKATLTVDKSSSTAY
IQLSSLTSEDSAVYYCSSSGYDYDGRAYFDYWGQGTTLTVSSAKTTPPSVYPLAPGSAAQTNSMVTLGCLVKGYFPEPVT
VTWNSGSLSSGVHTFPAVLQSDLYTLSSSVTVPSSTWPSETVTCNVAHPASSTKVDKKIVPR
;
C
2 'polypeptide(L)'
;DVVMTQTPKFLLVSAGDRVTITCKASQSVSNDVAWYQQKPGQSPKLLIYYASYRYTGVPDRFTGSGYGTDFTFTISAVQA
EDLAVYFCQQNYNSPYTFGGGTKLEIKRADAAPTVSIFPPSSEQLTSGGASVVCFLNNFYPKDINVKWKIDGSERQNGVL
NSWTDQDSKDSTYSMSSTLTLTKDEYERHNSYTCEATHKTSTSPIVKSFNRG
;
B
3 'polypeptide(L)'
;DSGPIICAGPIHSNKSADIPHLLGYSEKICQIDRLIHVSSWLRNHSQFQGYVGQRGGRSQVSYYPAENSYSRWSGLLSPC
DADWLGMLVVKKAKGSDMIVPGPSYKGKVFFERPTFDGYVGWGCGSGKSRTESGELCSSDSGTSSGLLPSNRVLWIGDVA
CQPMTPIPEETFLELKSFSQSEFPDICKIDGIVFNQCEGESLPQPFDVAWMDVGHSHKIIMREHKTKWVQESSSKDFVCY
KEGTGPCSESEEKTCKTSGSCRGDMQFCKVAGCEHGEEASEAKCRCSLVHKPGEVVVSYGGMRVRPKCYGFSRMMATLEV
NGLNDIFEAQKIEWHEAAAHHHHHHHH
;
A
#
# COMPACT_ATOMS: atom_id res chain seq x y z
N GLU A 1 15.15 4.73 -3.40
CA GLU A 1 14.96 5.35 -2.09
C GLU A 1 14.12 4.46 -1.19
N VAL A 2 12.83 4.37 -1.48
CA VAL A 2 11.97 3.60 -0.59
C VAL A 2 12.32 2.13 -0.69
N GLN A 3 12.53 1.48 0.45
CA GLN A 3 12.81 0.06 0.49
C GLN A 3 12.42 -0.52 1.85
N LEU A 4 11.63 -1.59 1.82
CA LEU A 4 11.43 -2.44 2.99
C LEU A 4 12.27 -3.68 2.74
N GLN A 5 13.37 -3.80 3.48
CA GLN A 5 14.30 -4.91 3.37
C GLN A 5 13.98 -5.92 4.47
N GLN A 6 13.51 -7.10 4.06
CA GLN A 6 13.16 -8.14 5.02
C GLN A 6 14.35 -9.04 5.24
N SER A 7 14.43 -9.59 6.45
CA SER A 7 15.44 -10.58 6.79
C SER A 7 15.27 -11.84 5.95
N GLY A 8 16.33 -12.66 5.93
CA GLY A 8 16.44 -13.78 5.00
C GLY A 8 15.63 -14.99 5.41
N ALA A 9 15.51 -15.92 4.46
CA ALA A 9 14.76 -17.15 4.64
C ALA A 9 15.06 -17.80 5.98
N GLU A 10 14.05 -18.42 6.57
CA GLU A 10 14.28 -18.96 7.89
C GLU A 10 13.69 -20.36 7.97
N LEU A 11 14.42 -21.24 8.64
CA LEU A 11 13.99 -22.60 8.83
C LEU A 11 14.14 -22.88 10.31
N VAL A 12 13.04 -23.17 10.99
CA VAL A 12 13.03 -23.40 12.43
C VAL A 12 12.31 -24.70 12.71
N LYS A 13 12.75 -25.39 13.76
CA LYS A 13 12.05 -26.58 14.21
C LYS A 13 10.68 -26.20 14.79
N PRO A 14 9.70 -27.10 14.74
CA PRO A 14 8.40 -26.77 15.32
C PRO A 14 8.51 -26.48 16.81
N GLY A 15 7.59 -25.64 17.30
CA GLY A 15 7.64 -25.18 18.66
C GLY A 15 8.64 -24.09 18.92
N ALA A 16 9.62 -23.93 18.05
CA ALA A 16 10.54 -22.81 18.15
C ALA A 16 9.82 -21.53 17.80
N SER A 17 10.50 -20.42 18.05
CA SER A 17 10.03 -19.11 17.62
C SER A 17 11.00 -18.57 16.58
N VAL A 18 10.59 -17.50 15.92
CA VAL A 18 11.45 -16.91 14.91
C VAL A 18 11.16 -15.42 14.87
N LYS A 19 12.21 -14.63 14.71
CA LYS A 19 12.08 -13.19 14.62
C LYS A 19 12.34 -12.81 13.18
N LEU A 20 11.31 -12.31 12.51
CA LEU A 20 11.48 -11.76 11.18
C LEU A 20 11.60 -10.24 11.30
N SER A 21 12.43 -9.66 10.46
CA SER A 21 12.71 -8.24 10.56
C SER A 21 12.47 -7.61 9.20
N CYS A 22 12.11 -6.34 9.26
CA CYS A 22 11.86 -5.52 8.09
C CYS A 22 12.54 -4.19 8.36
N LYS A 23 13.55 -3.85 7.59
CA LYS A 23 14.18 -2.54 7.72
C LYS A 23 13.58 -1.59 6.70
N ALA A 24 12.95 -0.52 7.18
CA ALA A 24 12.44 0.54 6.32
C ALA A 24 13.52 1.58 6.05
N SER A 25 13.49 2.10 4.84
CA SER A 25 14.41 3.15 4.44
C SER A 25 13.75 3.93 3.32
N GLY A 26 14.26 5.13 3.07
CA GLY A 26 13.74 5.98 2.04
C GLY A 26 12.50 6.75 2.40
N TYR A 27 12.00 6.59 3.62
CA TYR A 27 10.82 7.32 4.01
C TYR A 27 10.85 7.44 5.52
N THR A 28 10.06 8.38 6.03
CA THR A 28 10.03 8.65 7.46
C THR A 28 9.36 7.49 8.18
N PHE A 29 10.16 6.70 8.89
CA PHE A 29 9.67 5.41 9.35
C PHE A 29 8.41 5.58 10.21
N THR A 30 8.35 6.62 11.02
CA THR A 30 7.29 6.67 12.03
C THR A 30 5.99 7.21 11.50
N SER A 31 5.96 7.67 10.26
CA SER A 31 4.78 8.29 9.69
C SER A 31 3.80 7.28 9.16
N HIS A 32 4.15 6.01 9.12
CA HIS A 32 3.37 5.03 8.38
C HIS A 32 3.31 3.75 9.18
N TYR A 33 2.11 3.23 9.34
CA TYR A 33 1.95 1.93 9.96
C TYR A 33 2.73 0.88 9.17
N MET A 34 3.23 -0.09 9.90
CA MET A 34 3.80 -1.28 9.29
C MET A 34 2.79 -2.40 9.43
N TYR A 35 2.60 -3.14 8.35
CA TYR A 35 1.69 -4.26 8.35
C TYR A 35 2.48 -5.50 8.04
N TRP A 36 2.04 -6.61 8.59
CA TRP A 36 2.63 -7.90 8.27
C TRP A 36 1.54 -8.74 7.66
N VAL A 37 1.82 -9.32 6.50
CA VAL A 37 0.86 -10.21 5.89
C VAL A 37 1.54 -11.53 5.64
N LYS A 38 0.88 -12.59 6.08
CA LYS A 38 1.32 -13.95 5.86
C LYS A 38 0.69 -14.47 4.58
N GLN A 39 1.49 -15.21 3.80
CA GLN A 39 0.94 -15.82 2.59
C GLN A 39 1.48 -17.23 2.48
N ARG A 40 0.60 -18.22 2.54
CA ARG A 40 1.03 -19.60 2.39
C ARG A 40 1.16 -19.93 0.91
N PRO A 41 1.98 -20.95 0.57
CA PRO A 41 2.15 -21.33 -0.86
C PRO A 41 0.83 -21.52 -1.58
N GLY A 42 0.61 -20.75 -2.64
CA GLY A 42 -0.59 -20.83 -3.44
C GLY A 42 -1.86 -20.32 -2.81
N GLN A 43 -1.81 -19.81 -1.58
CA GLN A 43 -2.98 -19.24 -0.95
C GLN A 43 -3.00 -17.72 -1.12
N GLY A 44 -4.12 -17.13 -0.75
CA GLY A 44 -4.18 -15.70 -0.65
C GLY A 44 -3.47 -15.21 0.59
N PRO A 45 -3.36 -13.89 0.70
CA PRO A 45 -2.68 -13.30 1.85
C PRO A 45 -3.56 -13.29 3.08
N GLU A 46 -2.91 -13.40 4.23
CA GLU A 46 -3.53 -13.16 5.52
C GLU A 46 -2.92 -11.92 6.12
N TRP A 47 -3.75 -10.95 6.41
CA TRP A 47 -3.31 -9.80 7.15
C TRP A 47 -3.04 -10.22 8.57
N ILE A 48 -1.82 -10.02 9.07
CA ILE A 48 -1.48 -10.42 10.41
C ILE A 48 -1.81 -9.34 11.42
N GLY A 49 -1.36 -8.14 11.18
CA GLY A 49 -1.53 -7.10 12.16
C GLY A 49 -0.89 -5.86 11.62
N GLU A 50 -1.14 -4.76 12.33
CA GLU A 50 -0.51 -3.48 12.04
C GLU A 50 0.20 -3.05 13.30
N ILE A 51 1.33 -2.39 13.13
CA ILE A 51 2.01 -1.79 14.26
C ILE A 51 2.20 -0.33 13.93
N ASN A 52 1.93 0.52 14.92
CA ASN A 52 2.17 1.95 14.81
C ASN A 52 3.62 2.19 15.23
N PRO A 53 4.53 2.51 14.31
CA PRO A 53 5.92 2.71 14.72
C PRO A 53 6.13 3.89 15.66
N THR A 54 5.18 4.82 15.73
CA THR A 54 5.29 5.85 16.77
C THR A 54 5.12 5.24 18.16
N ASN A 55 4.24 4.25 18.29
CA ASN A 55 3.73 3.72 19.56
C ASN A 55 4.24 2.34 19.91
N GLY A 56 4.56 1.53 18.91
CA GLY A 56 4.48 0.11 19.15
C GLY A 56 3.06 -0.39 19.34
N GLY A 57 2.08 0.49 19.18
CA GLY A 57 0.70 0.08 19.26
C GLY A 57 0.36 -0.76 18.06
N THR A 58 -0.44 -1.79 18.29
CA THR A 58 -0.70 -2.83 17.32
C THR A 58 -2.19 -3.13 17.28
N LYS A 59 -2.68 -3.42 16.07
CA LYS A 59 -3.97 -4.09 15.91
C LYS A 59 -3.72 -5.40 15.20
N PHE A 60 -4.32 -6.47 15.68
CA PHE A 60 -4.09 -7.79 15.15
C PHE A 60 -5.35 -8.33 14.53
N ASN A 61 -5.16 -9.05 13.44
CA ASN A 61 -6.03 -10.15 13.08
C ASN A 61 -6.07 -11.13 14.24
N GLU A 62 -7.27 -11.37 14.78
CA GLU A 62 -7.42 -12.20 15.97
C GLU A 62 -6.80 -13.58 15.78
N LYS A 63 -6.80 -14.11 14.56
CA LYS A 63 -6.17 -15.40 14.34
C LYS A 63 -4.68 -15.38 14.65
N PHE A 64 -4.07 -14.22 14.82
CA PHE A 64 -2.64 -14.18 15.04
C PHE A 64 -2.26 -13.58 16.37
N LYS A 65 -3.24 -13.16 17.18
CA LYS A 65 -2.95 -12.46 18.42
C LYS A 65 -1.95 -13.22 19.27
N SER A 66 -2.04 -14.54 19.29
CA SER A 66 -1.06 -15.28 20.08
C SER A 66 0.12 -15.78 19.27
N LYS A 67 0.01 -15.88 17.93
CA LYS A 67 1.10 -16.38 17.11
C LYS A 67 2.23 -15.36 17.00
N ALA A 68 1.90 -14.11 16.81
CA ALA A 68 2.88 -13.11 16.45
C ALA A 68 2.93 -12.03 17.52
N THR A 69 4.14 -11.55 17.81
CA THR A 69 4.30 -10.31 18.55
C THR A 69 4.95 -9.30 17.63
N LEU A 70 4.35 -8.12 17.53
CA LEU A 70 4.85 -7.08 16.64
C LEU A 70 5.55 -6.04 17.49
N THR A 71 6.77 -5.69 17.09
CA THR A 71 7.48 -4.59 17.72
C THR A 71 8.12 -3.76 16.63
N VAL A 72 8.54 -2.56 16.99
CA VAL A 72 9.22 -1.65 16.08
C VAL A 72 10.35 -0.97 16.83
N ASP A 73 11.48 -0.88 16.17
CA ASP A 73 12.65 -0.15 16.68
C ASP A 73 12.76 1.13 15.86
N LYS A 74 12.35 2.25 16.46
CA LYS A 74 12.47 3.52 15.74
C LYS A 74 13.92 3.80 15.39
N SER A 75 14.83 3.45 16.31
CA SER A 75 16.24 3.79 16.20
C SER A 75 16.92 3.16 15.00
N SER A 76 16.33 2.12 14.42
CA SER A 76 16.92 1.50 13.25
C SER A 76 15.90 1.31 12.14
N SER A 77 14.70 1.88 12.27
CA SER A 77 13.66 1.81 11.25
C SER A 77 13.33 0.34 10.93
N THR A 78 13.22 -0.47 11.97
CA THR A 78 13.02 -1.89 11.84
C THR A 78 11.73 -2.25 12.53
N ALA A 79 10.86 -2.95 11.81
CA ALA A 79 9.72 -3.62 12.40
C ALA A 79 10.06 -5.10 12.53
N TYR A 80 9.72 -5.69 13.65
CA TYR A 80 10.00 -7.10 13.87
C TYR A 80 8.69 -7.82 14.09
N ILE A 81 8.65 -9.08 13.69
CA ILE A 81 7.56 -9.95 14.05
C ILE A 81 8.18 -11.16 14.70
N GLN A 82 7.69 -11.49 15.86
CA GLN A 82 8.13 -12.65 16.61
C GLN A 82 7.02 -13.68 16.50
N LEU A 83 7.24 -14.72 15.71
CA LEU A 83 6.27 -15.78 15.54
C LEU A 83 6.66 -16.93 16.46
N SER A 84 5.80 -17.25 17.42
CA SER A 84 6.12 -18.27 18.42
C SER A 84 5.27 -19.52 18.21
N SER A 85 5.60 -20.56 18.96
CA SER A 85 4.83 -21.82 18.93
C SER A 85 4.62 -22.31 17.50
N LEU A 86 5.69 -22.36 16.74
CA LEU A 86 5.58 -22.59 15.32
C LEU A 86 5.20 -24.04 15.03
N THR A 87 4.21 -24.21 14.18
CA THR A 87 3.88 -25.49 13.57
C THR A 87 4.07 -25.33 12.06
N SER A 88 3.90 -26.45 11.35
CA SER A 88 4.00 -26.40 9.90
C SER A 88 3.01 -25.43 9.26
N GLU A 89 1.88 -25.16 9.92
CA GLU A 89 0.91 -24.23 9.33
C GLU A 89 1.41 -22.79 9.38
N ASP A 90 2.53 -22.54 10.06
CA ASP A 90 3.16 -21.23 10.03
C ASP A 90 4.14 -21.08 8.88
N SER A 91 4.54 -22.17 8.24
CA SER A 91 5.37 -22.04 7.05
C SER A 91 4.63 -21.23 6.00
N ALA A 92 5.30 -20.19 5.50
CA ALA A 92 4.67 -19.25 4.60
C ALA A 92 5.69 -18.19 4.26
N VAL A 93 5.31 -17.31 3.34
CA VAL A 93 6.01 -16.07 3.11
C VAL A 93 5.37 -15.01 3.99
N TYR A 94 6.19 -14.25 4.68
CA TYR A 94 5.72 -13.16 5.51
C TYR A 94 6.19 -11.88 4.86
N TYR A 95 5.25 -11.00 4.58
CA TYR A 95 5.58 -9.69 4.05
C TYR A 95 5.35 -8.65 5.13
N CYS A 96 6.27 -7.70 5.22
CA CYS A 96 5.99 -6.42 5.82
C CYS A 96 5.59 -5.50 4.68
N SER A 97 4.63 -4.62 4.95
CA SER A 97 4.35 -3.56 4.01
C SER A 97 3.87 -2.36 4.78
N SER A 98 4.12 -1.19 4.21
CA SER A 98 3.44 0.03 4.57
C SER A 98 2.70 0.48 3.34
N SER A 99 1.46 0.87 3.52
CA SER A 99 0.65 1.44 2.47
C SER A 99 -0.27 2.43 3.15
N GLY A 100 -0.91 3.25 2.36
CA GLY A 100 -1.72 4.30 2.92
C GLY A 100 -1.51 5.58 2.14
N TYR A 101 -1.98 6.67 2.67
CA TYR A 101 -1.79 7.93 2.01
C TYR A 101 -0.54 8.53 2.61
N ASP A 102 0.41 8.87 1.76
CA ASP A 102 1.53 9.65 2.21
C ASP A 102 1.08 11.10 2.30
N TYR A 103 0.87 11.62 3.51
CA TYR A 103 0.42 13.00 3.58
C TYR A 103 1.53 13.99 3.30
N ASP A 104 2.79 13.62 3.48
CA ASP A 104 3.88 14.50 3.06
C ASP A 104 3.89 14.64 1.55
N GLY A 105 4.12 13.54 0.84
CA GLY A 105 4.16 13.63 -0.60
C GLY A 105 2.82 13.88 -1.22
N ARG A 106 1.73 13.66 -0.46
CA ARG A 106 0.37 13.81 -0.97
C ARG A 106 0.16 12.86 -2.13
N ALA A 107 0.53 11.60 -1.93
CA ALA A 107 0.17 10.56 -2.86
C ALA A 107 0.01 9.30 -2.05
N TYR A 108 -0.78 8.37 -2.57
CA TYR A 108 -0.83 7.03 -2.00
C TYR A 108 0.48 6.33 -2.26
N PHE A 109 0.87 5.49 -1.32
CA PHE A 109 2.08 4.72 -1.43
C PHE A 109 1.73 3.31 -1.03
N ASP A 110 2.45 2.35 -1.59
CA ASP A 110 2.24 0.95 -1.24
C ASP A 110 3.56 0.25 -1.46
N TYR A 111 4.21 -0.10 -0.35
CA TYR A 111 5.56 -0.60 -0.31
C TYR A 111 5.54 -1.95 0.36
N TRP A 112 6.20 -2.93 -0.24
CA TRP A 112 6.23 -4.28 0.29
C TRP A 112 7.67 -4.73 0.48
N GLY A 113 7.90 -5.50 1.56
CA GLY A 113 9.17 -6.18 1.70
C GLY A 113 9.37 -7.19 0.59
N GLN A 114 10.59 -7.73 0.49
CA GLN A 114 10.77 -8.76 -0.53
C GLN A 114 10.11 -10.08 -0.12
N GLY A 115 9.59 -10.14 1.09
CA GLY A 115 9.05 -11.38 1.56
C GLY A 115 10.13 -12.12 2.30
N THR A 116 9.76 -12.81 3.36
CA THR A 116 10.70 -13.66 4.06
C THR A 116 10.06 -15.03 4.20
N THR A 117 10.80 -16.06 3.85
CA THR A 117 10.19 -17.37 3.81
C THR A 117 10.54 -18.11 5.08
N LEU A 118 9.52 -18.70 5.67
CA LEU A 118 9.68 -19.45 6.89
C LEU A 118 9.31 -20.89 6.59
N THR A 119 10.21 -21.79 6.92
CA THR A 119 9.90 -23.21 6.85
C THR A 119 9.91 -23.72 8.26
N VAL A 120 8.77 -24.23 8.70
CA VAL A 120 8.70 -24.86 10.01
C VAL A 120 8.86 -26.36 9.79
N SER A 121 10.02 -26.88 10.14
CA SER A 121 10.29 -28.29 9.96
C SER A 121 11.56 -28.62 10.70
N SER A 122 11.62 -29.83 11.24
CA SER A 122 12.84 -30.32 11.86
C SER A 122 13.75 -31.06 10.89
N ALA A 123 13.40 -31.11 9.61
CA ALA A 123 14.28 -31.71 8.62
C ALA A 123 15.62 -30.99 8.57
N LYS A 124 16.68 -31.79 8.37
CA LYS A 124 18.05 -31.28 8.37
C LYS A 124 18.35 -30.52 7.08
N THR A 125 18.94 -29.33 7.22
CA THR A 125 19.38 -28.58 6.05
C THR A 125 20.38 -29.41 5.26
N THR A 126 20.18 -29.47 3.94
CA THR A 126 20.82 -30.48 3.11
C THR A 126 21.26 -29.93 1.76
N PRO A 127 22.54 -29.97 1.48
CA PRO A 127 23.04 -29.51 0.18
C PRO A 127 22.51 -30.38 -0.96
N PRO A 128 22.19 -29.78 -2.09
CA PRO A 128 21.68 -30.57 -3.23
C PRO A 128 22.81 -31.19 -4.04
N SER A 129 22.42 -32.19 -4.80
CA SER A 129 23.23 -32.69 -5.90
C SER A 129 22.67 -32.10 -7.18
N VAL A 130 23.55 -31.74 -8.10
CA VAL A 130 23.16 -31.01 -9.30
C VAL A 130 23.60 -31.81 -10.50
N TYR A 131 22.67 -32.04 -11.41
CA TYR A 131 22.91 -33.01 -12.47
C TYR A 131 22.62 -32.39 -13.83
N PRO A 132 23.57 -32.45 -14.75
CA PRO A 132 23.30 -32.00 -16.11
C PRO A 132 22.34 -32.96 -16.79
N LEU A 133 21.58 -32.40 -17.73
CA LEU A 133 20.63 -33.12 -18.57
C LEU A 133 20.97 -32.80 -20.03
N ALA A 134 21.94 -33.53 -20.60
CA ALA A 134 22.10 -33.43 -22.05
C ALA A 134 21.12 -34.35 -22.77
N PRO A 135 20.56 -33.92 -23.94
CA PRO A 135 19.44 -34.64 -24.57
C PRO A 135 19.83 -35.86 -25.39
N GLY A 136 20.59 -36.76 -24.79
CA GLY A 136 20.94 -38.00 -25.46
C GLY A 136 19.79 -38.98 -25.59
N THR A 141 20.10 -31.69 -32.26
CA THR A 141 19.59 -32.88 -32.90
C THR A 141 18.49 -32.50 -33.90
N ASN A 142 17.80 -31.39 -33.61
CA ASN A 142 16.68 -30.90 -34.40
C ASN A 142 16.80 -29.38 -34.47
N SER A 143 15.72 -28.70 -34.87
CA SER A 143 15.82 -27.25 -35.12
C SER A 143 16.26 -26.47 -33.89
N MET A 144 15.60 -26.70 -32.77
CA MET A 144 16.04 -26.23 -31.47
C MET A 144 16.57 -27.42 -30.67
N VAL A 145 17.10 -27.13 -29.49
CA VAL A 145 17.51 -28.17 -28.57
C VAL A 145 17.19 -27.71 -27.16
N THR A 146 16.72 -28.64 -26.33
CA THR A 146 16.36 -28.34 -24.95
C THR A 146 17.32 -29.04 -24.00
N LEU A 147 17.91 -28.27 -23.11
CA LEU A 147 18.81 -28.80 -22.12
C LEU A 147 18.07 -28.84 -20.79
N GLY A 148 18.81 -29.07 -19.72
CA GLY A 148 18.14 -29.27 -18.45
C GLY A 148 19.12 -29.39 -17.33
N CYS A 149 18.60 -29.21 -16.12
CA CYS A 149 19.40 -29.24 -14.91
C CYS A 149 18.54 -29.86 -13.83
N LEU A 150 19.05 -30.90 -13.18
CA LEU A 150 18.35 -31.55 -12.10
C LEU A 150 19.02 -31.15 -10.79
N VAL A 151 18.28 -30.45 -9.96
CA VAL A 151 18.74 -30.09 -8.63
C VAL A 151 17.91 -30.89 -7.65
N LYS A 152 18.57 -31.77 -6.91
CA LYS A 152 17.91 -32.90 -6.29
C LYS A 152 18.37 -33.06 -4.85
N GLY A 153 17.41 -33.29 -3.97
CA GLY A 153 17.70 -33.66 -2.59
C GLY A 153 18.24 -32.53 -1.74
N TYR A 154 17.65 -31.35 -1.83
CA TYR A 154 18.08 -30.25 -0.99
C TYR A 154 16.97 -29.85 -0.04
N PHE A 155 17.38 -29.28 1.10
CA PHE A 155 16.43 -28.77 2.06
C PHE A 155 17.10 -27.64 2.82
N PRO A 156 16.37 -26.57 3.13
CA PRO A 156 15.01 -26.33 2.65
C PRO A 156 15.08 -25.52 1.37
N GLU A 157 13.93 -25.08 0.85
CA GLU A 157 13.91 -23.99 -0.06
C GLU A 157 14.62 -22.78 0.56
N PRO A 158 15.14 -21.89 -0.26
CA PRO A 158 15.02 -21.87 -1.71
C PRO A 158 16.29 -22.33 -2.37
N VAL A 159 16.14 -22.46 -3.69
CA VAL A 159 17.25 -22.70 -4.58
C VAL A 159 17.13 -21.72 -5.73
N THR A 160 18.26 -21.17 -6.16
CA THR A 160 18.28 -20.30 -7.33
C THR A 160 19.05 -20.99 -8.43
N VAL A 161 18.34 -21.42 -9.48
CA VAL A 161 18.96 -21.91 -10.70
C VAL A 161 18.99 -20.76 -11.69
N THR A 162 20.17 -20.44 -12.19
CA THR A 162 20.30 -19.58 -13.35
C THR A 162 21.04 -20.35 -14.44
N TRP A 163 20.76 -20.00 -15.67
CA TRP A 163 21.50 -20.52 -16.82
C TRP A 163 22.51 -19.49 -17.29
N ASN A 164 23.77 -19.92 -17.41
CA ASN A 164 24.86 -19.07 -17.87
C ASN A 164 24.92 -17.78 -17.04
N SER A 165 25.08 -17.97 -15.74
CA SER A 165 25.14 -16.88 -14.76
C SER A 165 23.99 -15.90 -14.94
N GLY A 166 22.86 -16.38 -15.49
CA GLY A 166 21.73 -15.54 -15.74
C GLY A 166 21.74 -14.85 -17.09
N SER A 167 22.82 -14.97 -17.86
CA SER A 167 22.83 -14.41 -19.21
C SER A 167 21.93 -15.19 -20.16
N LEU A 168 21.60 -16.43 -19.83
CA LEU A 168 20.65 -17.21 -20.61
C LEU A 168 19.36 -17.26 -19.82
N SER A 169 18.37 -16.53 -20.27
CA SER A 169 17.17 -16.36 -19.47
C SER A 169 15.93 -16.56 -20.31
N SER A 170 16.02 -16.28 -21.59
CA SER A 170 14.91 -16.64 -22.46
C SER A 170 14.94 -18.14 -22.72
N GLY A 171 13.78 -18.70 -23.02
CA GLY A 171 13.66 -20.12 -23.30
C GLY A 171 13.85 -21.01 -22.09
N VAL A 172 13.83 -20.45 -20.89
CA VAL A 172 14.12 -21.17 -19.66
C VAL A 172 12.83 -21.55 -18.98
N HIS A 173 12.79 -22.77 -18.45
CA HIS A 173 11.69 -23.23 -17.62
C HIS A 173 12.31 -23.82 -16.37
N THR A 174 12.24 -23.09 -15.27
CA THR A 174 12.60 -23.65 -13.99
C THR A 174 11.29 -24.08 -13.33
N PHE A 175 11.26 -25.32 -12.89
CA PHE A 175 10.00 -25.87 -12.42
C PHE A 175 9.90 -25.79 -10.91
N PRO A 176 8.70 -25.56 -10.42
CA PRO A 176 8.51 -25.51 -8.97
C PRO A 176 9.14 -26.71 -8.30
N ALA A 177 10.02 -26.45 -7.34
CA ALA A 177 10.58 -27.49 -6.50
C ALA A 177 9.48 -28.32 -5.89
N VAL A 178 9.62 -29.63 -5.98
CA VAL A 178 8.66 -30.56 -5.40
C VAL A 178 9.26 -31.14 -4.13
N LEU A 179 8.46 -31.17 -3.06
CA LEU A 179 8.88 -31.72 -1.78
C LEU A 179 8.43 -33.17 -1.72
N GLN A 180 9.35 -34.05 -1.34
CA GLN A 180 9.07 -35.47 -1.25
C GLN A 180 10.01 -36.04 -0.22
N SER A 181 9.47 -36.79 0.73
CA SER A 181 10.14 -37.08 1.99
C SER A 181 10.37 -35.69 2.59
N ASP A 182 11.56 -35.34 3.02
CA ASP A 182 11.82 -33.97 3.43
C ASP A 182 12.99 -33.41 2.64
N LEU A 183 13.03 -33.74 1.35
CA LEU A 183 13.98 -33.22 0.39
C LEU A 183 13.20 -32.63 -0.76
N TYR A 184 13.74 -31.55 -1.32
CA TYR A 184 13.18 -30.90 -2.49
C TYR A 184 13.94 -31.33 -3.73
N THR A 185 13.23 -31.52 -4.83
CA THR A 185 13.88 -31.73 -6.11
C THR A 185 13.38 -30.68 -7.07
N LEU A 186 14.31 -30.06 -7.77
CA LEU A 186 13.94 -29.01 -8.69
C LEU A 186 14.52 -29.35 -10.07
N SER A 187 13.82 -28.87 -11.07
CA SER A 187 14.11 -29.14 -12.46
C SER A 187 14.15 -27.82 -13.21
N SER A 188 15.10 -27.67 -14.13
CA SER A 188 15.06 -26.56 -15.06
C SER A 188 15.48 -27.00 -16.46
N SER A 189 14.68 -26.62 -17.45
CA SER A 189 15.00 -26.78 -18.85
C SER A 189 15.30 -25.44 -19.50
N VAL A 190 16.06 -25.50 -20.60
CA VAL A 190 16.39 -24.31 -21.37
C VAL A 190 16.48 -24.70 -22.83
N THR A 191 15.76 -23.96 -23.65
CA THR A 191 15.68 -24.22 -25.08
C THR A 191 16.43 -23.14 -25.81
N VAL A 192 17.37 -23.55 -26.63
CA VAL A 192 18.25 -22.63 -27.36
C VAL A 192 18.26 -23.05 -28.82
N PRO A 193 18.75 -22.24 -29.76
CA PRO A 193 18.92 -22.71 -31.13
C PRO A 193 19.92 -23.86 -31.19
N SER A 194 19.71 -24.75 -32.14
CA SER A 194 20.56 -25.92 -32.23
C SER A 194 22.00 -25.54 -32.53
N SER A 195 22.21 -24.45 -33.27
CA SER A 195 23.56 -24.00 -33.52
C SER A 195 24.18 -23.33 -32.30
N THR A 196 23.35 -22.93 -31.34
CA THR A 196 23.87 -22.30 -30.12
C THR A 196 24.52 -23.32 -29.21
N TRP A 197 23.86 -24.48 -28.96
CA TRP A 197 24.31 -25.13 -27.73
C TRP A 197 25.65 -25.82 -27.88
N PRO A 198 25.78 -26.97 -28.54
CA PRO A 198 27.05 -27.71 -28.41
C PRO A 198 28.26 -26.81 -28.58
N SER A 199 28.13 -25.74 -29.36
CA SER A 199 29.22 -24.81 -29.62
C SER A 199 29.40 -23.75 -28.54
N GLU A 200 28.30 -23.21 -28.01
CA GLU A 200 28.36 -22.27 -26.90
C GLU A 200 27.97 -23.00 -25.63
N THR A 201 28.88 -23.03 -24.66
CA THR A 201 28.64 -23.73 -23.41
C THR A 201 27.43 -23.19 -22.67
N VAL A 202 26.54 -24.09 -22.29
CA VAL A 202 25.44 -23.78 -21.40
C VAL A 202 25.73 -24.44 -20.06
N THR A 203 25.46 -23.72 -18.97
CA THR A 203 25.77 -24.14 -17.62
C THR A 203 24.63 -23.71 -16.72
N CYS A 204 24.00 -24.64 -16.00
CA CYS A 204 23.09 -24.21 -14.95
C CYS A 204 23.93 -23.84 -13.73
N ASN A 205 23.60 -22.71 -13.12
CA ASN A 205 24.21 -22.29 -11.87
C ASN A 205 23.14 -22.40 -10.81
N VAL A 206 23.45 -23.11 -9.75
CA VAL A 206 22.48 -23.43 -8.72
C VAL A 206 23.08 -23.02 -7.39
N ALA A 207 22.32 -22.25 -6.62
CA ALA A 207 22.76 -21.79 -5.32
C ALA A 207 21.74 -22.28 -4.32
N HIS A 208 22.21 -22.95 -3.26
CA HIS A 208 21.37 -23.34 -2.14
C HIS A 208 21.96 -22.67 -0.91
N PRO A 209 21.51 -21.46 -0.58
CA PRO A 209 22.17 -20.68 0.49
C PRO A 209 22.20 -21.36 1.84
N ALA A 210 21.16 -22.11 2.19
CA ALA A 210 21.12 -22.75 3.51
C ALA A 210 22.35 -23.61 3.76
N SER A 211 22.86 -24.28 2.74
CA SER A 211 24.07 -25.07 2.87
C SER A 211 25.28 -24.33 2.33
N SER A 212 25.12 -23.06 1.99
CA SER A 212 26.18 -22.28 1.35
C SER A 212 26.72 -23.00 0.12
N THR A 213 25.80 -23.61 -0.63
CA THR A 213 26.10 -24.45 -1.76
C THR A 213 25.88 -23.67 -3.04
N LYS A 214 26.99 -23.36 -3.74
CA LYS A 214 26.93 -22.77 -5.07
C LYS A 214 27.70 -23.71 -5.99
N VAL A 215 27.07 -24.11 -7.09
CA VAL A 215 27.63 -25.11 -7.98
C VAL A 215 27.23 -24.76 -9.41
N ASP A 216 28.16 -24.94 -10.33
CA ASP A 216 27.88 -24.82 -11.76
C ASP A 216 28.10 -26.15 -12.45
N LYS A 217 27.15 -26.54 -13.29
CA LYS A 217 27.25 -27.76 -14.08
C LYS A 217 27.14 -27.37 -15.55
N LYS A 218 28.22 -27.55 -16.30
CA LYS A 218 28.18 -27.38 -17.74
C LYS A 218 27.49 -28.59 -18.37
N ILE A 219 26.55 -28.33 -19.26
CA ILE A 219 25.83 -29.42 -19.88
C ILE A 219 26.65 -29.92 -21.07
N VAL A 220 27.67 -30.73 -20.78
CA VAL A 220 28.55 -31.20 -21.84
C VAL A 220 27.76 -32.22 -22.65
N PRO A 221 27.97 -32.31 -23.95
CA PRO A 221 27.11 -33.13 -24.81
C PRO A 221 27.32 -34.63 -24.59
N ARG A 222 26.37 -35.39 -25.12
CA ARG A 222 26.46 -36.85 -25.15
C ARG A 222 26.99 -37.32 -26.50
N ASP B 1 -12.62 -9.73 10.45
CA ASP B 1 -13.87 -9.12 10.86
C ASP B 1 -14.76 -8.74 9.64
N VAL B 2 -14.35 -7.77 8.83
CA VAL B 2 -15.11 -7.39 7.63
C VAL B 2 -14.75 -8.35 6.51
N VAL B 3 -15.73 -9.12 6.05
CA VAL B 3 -15.44 -10.11 5.02
C VAL B 3 -15.51 -9.44 3.66
N MET B 4 -14.52 -9.72 2.82
CA MET B 4 -14.50 -9.23 1.45
C MET B 4 -14.73 -10.43 0.54
N THR B 5 -15.89 -10.48 -0.11
CA THR B 5 -16.29 -11.63 -0.89
C THR B 5 -15.98 -11.36 -2.34
N GLN B 6 -14.88 -11.90 -2.82
CA GLN B 6 -14.39 -11.55 -4.15
C GLN B 6 -14.83 -12.61 -5.14
N THR B 7 -15.56 -12.19 -6.18
CA THR B 7 -15.96 -13.08 -7.27
C THR B 7 -15.52 -12.48 -8.59
N PRO B 8 -15.16 -13.32 -9.58
CA PRO B 8 -15.07 -14.78 -9.51
C PRO B 8 -13.75 -15.26 -8.93
N LYS B 9 -13.71 -16.50 -8.44
CA LYS B 9 -12.45 -17.02 -7.95
C LYS B 9 -11.49 -17.31 -9.09
N PHE B 10 -12.01 -17.44 -10.32
CA PHE B 10 -11.20 -17.83 -11.47
C PHE B 10 -11.73 -17.11 -12.69
N LEU B 11 -10.84 -16.62 -13.52
CA LEU B 11 -11.22 -16.15 -14.83
C LEU B 11 -10.38 -16.87 -15.87
N LEU B 12 -11.01 -17.22 -16.98
CA LEU B 12 -10.30 -17.67 -18.16
C LEU B 12 -10.74 -16.73 -19.26
N VAL B 13 -9.80 -15.97 -19.82
CA VAL B 13 -10.12 -14.96 -20.82
C VAL B 13 -9.02 -14.95 -21.86
N SER B 14 -9.31 -14.36 -23.00
CA SER B 14 -8.29 -14.18 -24.03
C SER B 14 -7.73 -12.78 -23.92
N ALA B 15 -6.41 -12.67 -24.12
CA ALA B 15 -5.79 -11.38 -24.33
C ALA B 15 -6.70 -10.51 -25.20
N GLY B 16 -6.96 -9.29 -24.72
CA GLY B 16 -7.91 -8.37 -25.32
C GLY B 16 -9.27 -8.31 -24.62
N ASP B 17 -9.67 -9.37 -23.92
CA ASP B 17 -11.00 -9.40 -23.31
C ASP B 17 -11.04 -8.50 -22.09
N ARG B 18 -12.25 -8.04 -21.76
CA ARG B 18 -12.47 -7.28 -20.55
C ARG B 18 -12.69 -8.25 -19.39
N VAL B 19 -12.08 -7.92 -18.26
CA VAL B 19 -12.18 -8.70 -17.03
C VAL B 19 -12.76 -7.80 -15.96
N THR B 20 -13.74 -8.30 -15.23
CA THR B 20 -14.30 -7.54 -14.11
C THR B 20 -14.35 -8.42 -12.89
N ILE B 21 -13.65 -8.00 -11.86
CA ILE B 21 -13.63 -8.68 -10.58
C ILE B 21 -14.49 -7.87 -9.63
N THR B 22 -15.36 -8.56 -8.90
CA THR B 22 -16.25 -7.91 -7.97
C THR B 22 -15.88 -8.31 -6.56
N CYS B 23 -16.02 -7.37 -5.63
CA CYS B 23 -15.74 -7.63 -4.24
C CYS B 23 -16.86 -7.00 -3.46
N LYS B 24 -17.60 -7.79 -2.68
CA LYS B 24 -18.67 -7.27 -1.84
C LYS B 24 -18.20 -7.31 -0.39
N ALA B 25 -18.07 -6.14 0.22
CA ALA B 25 -17.80 -6.04 1.65
C ALA B 25 -19.05 -6.35 2.47
N SER B 26 -18.89 -7.22 3.46
CA SER B 26 -19.98 -7.53 4.38
C SER B 26 -20.47 -6.32 5.17
N GLN B 27 -19.77 -5.21 5.14
CA GLN B 27 -20.30 -3.98 5.72
C GLN B 27 -19.62 -2.83 5.01
N SER B 28 -20.10 -1.63 5.24
CA SER B 28 -19.61 -0.51 4.45
C SER B 28 -18.13 -0.25 4.73
N VAL B 29 -17.33 -0.14 3.67
CA VAL B 29 -15.92 0.20 3.85
C VAL B 29 -15.53 1.46 3.07
N SER B 30 -16.48 2.38 2.92
CA SER B 30 -16.19 3.64 2.26
C SER B 30 -15.63 3.39 0.88
N ASN B 31 -14.62 4.16 0.48
CA ASN B 31 -13.87 3.82 -0.71
C ASN B 31 -12.51 3.22 -0.37
N ASP B 32 -12.36 2.65 0.83
CA ASP B 32 -11.04 2.24 1.30
C ASP B 32 -10.79 0.76 1.00
N VAL B 33 -10.79 0.46 -0.30
CA VAL B 33 -10.41 -0.86 -0.76
C VAL B 33 -9.32 -0.69 -1.79
N ALA B 34 -8.31 -1.54 -1.71
CA ALA B 34 -7.23 -1.53 -2.66
C ALA B 34 -7.27 -2.82 -3.46
N TRP B 35 -6.81 -2.73 -4.69
CA TRP B 35 -6.77 -3.85 -5.60
C TRP B 35 -5.32 -4.17 -5.88
N TYR B 36 -4.92 -5.40 -5.58
CA TYR B 36 -3.56 -5.86 -5.74
C TYR B 36 -3.54 -6.89 -6.84
N GLN B 37 -2.50 -6.83 -7.65
CA GLN B 37 -2.18 -7.87 -8.62
C GLN B 37 -0.98 -8.61 -8.08
N GLN B 38 -1.04 -9.93 -8.04
CA GLN B 38 0.09 -10.72 -7.54
C GLN B 38 0.51 -11.81 -8.46
N LYS B 39 1.72 -11.68 -8.92
CA LYS B 39 2.22 -12.60 -9.83
C LYS B 39 3.08 -13.52 -9.02
N PRO B 40 3.25 -14.75 -9.49
CA PRO B 40 4.04 -15.74 -8.72
C PRO B 40 5.46 -15.28 -8.45
N GLY B 41 5.96 -15.67 -7.28
CA GLY B 41 7.30 -15.26 -6.87
C GLY B 41 7.42 -13.81 -6.44
N GLN B 42 6.45 -12.96 -6.80
CA GLN B 42 6.49 -11.55 -6.47
C GLN B 42 5.64 -11.27 -5.24
N SER B 43 5.88 -10.11 -4.62
CA SER B 43 4.98 -9.62 -3.61
C SER B 43 3.76 -9.02 -4.31
N PRO B 44 2.68 -8.75 -3.59
CA PRO B 44 1.53 -8.06 -4.22
C PRO B 44 1.94 -6.67 -4.70
N LYS B 45 1.36 -6.26 -5.81
CA LYS B 45 1.62 -4.95 -6.41
C LYS B 45 0.30 -4.19 -6.45
N LEU B 46 0.28 -3.04 -5.80
CA LEU B 46 -0.94 -2.27 -5.73
C LEU B 46 -1.28 -1.72 -7.10
N LEU B 47 -2.51 -1.96 -7.55
CA LEU B 47 -3.01 -1.40 -8.80
C LEU B 47 -3.94 -0.24 -8.58
N ILE B 48 -4.87 -0.39 -7.64
CA ILE B 48 -5.97 0.53 -7.42
C ILE B 48 -6.01 0.79 -5.92
N TYR B 49 -6.10 2.04 -5.54
CA TYR B 49 -6.29 2.37 -4.15
C TYR B 49 -7.55 3.18 -4.03
N TYR B 50 -8.04 3.34 -2.81
CA TYR B 50 -9.17 4.20 -2.58
C TYR B 50 -10.34 3.80 -3.50
N ALA B 51 -10.43 2.50 -3.77
CA ALA B 51 -11.48 1.89 -4.58
C ALA B 51 -11.28 2.13 -6.07
N SER B 52 -10.96 3.36 -6.46
CA SER B 52 -11.11 3.71 -7.86
C SER B 52 -9.94 4.48 -8.45
N TYR B 53 -8.82 4.65 -7.74
CA TYR B 53 -7.68 5.41 -8.22
C TYR B 53 -6.58 4.45 -8.63
N ARG B 54 -6.06 4.59 -9.85
CA ARG B 54 -4.91 3.79 -10.21
C ARG B 54 -3.74 4.23 -9.36
N TYR B 55 -3.06 3.28 -8.77
CA TYR B 55 -1.78 3.63 -8.17
C TYR B 55 -0.86 4.17 -9.26
N THR B 56 0.12 4.98 -8.84
CA THR B 56 0.99 5.62 -9.83
C THR B 56 1.79 4.57 -10.59
N GLY B 57 1.90 4.76 -11.90
CA GLY B 57 2.59 3.80 -12.75
C GLY B 57 1.77 2.59 -13.12
N VAL B 58 0.45 2.70 -13.15
CA VAL B 58 -0.43 1.58 -13.45
C VAL B 58 -1.05 1.83 -14.82
N PRO B 59 -1.03 0.86 -15.73
CA PRO B 59 -1.56 1.09 -17.07
C PRO B 59 -3.03 1.50 -17.02
N ASP B 60 -3.46 2.21 -18.08
CA ASP B 60 -4.86 2.64 -18.17
C ASP B 60 -5.83 1.48 -18.04
N ARG B 61 -5.47 0.29 -18.53
CA ARG B 61 -6.46 -0.77 -18.60
C ARG B 61 -6.97 -1.19 -17.22
N PHE B 62 -6.14 -1.07 -16.18
CA PHE B 62 -6.57 -1.40 -14.82
C PHE B 62 -7.42 -0.27 -14.25
N THR B 63 -8.69 -0.56 -13.93
CA THR B 63 -9.51 0.43 -13.26
C THR B 63 -10.26 -0.27 -12.15
N GLY B 64 -10.71 0.54 -11.22
CA GLY B 64 -11.49 0.05 -10.11
C GLY B 64 -12.65 0.99 -9.91
N SER B 65 -13.73 0.44 -9.39
CA SER B 65 -14.87 1.29 -9.12
C SER B 65 -15.55 0.75 -7.88
N GLY B 66 -16.09 1.64 -7.08
CA GLY B 66 -16.95 1.22 -5.99
C GLY B 66 -16.94 2.21 -4.85
N TYR B 67 -17.97 2.11 -4.03
CA TYR B 67 -18.03 2.75 -2.73
C TYR B 67 -18.95 1.92 -1.87
N GLY B 68 -18.76 1.98 -0.57
CA GLY B 68 -19.60 1.27 0.37
C GLY B 68 -19.25 -0.18 0.44
N THR B 69 -20.01 -1.02 -0.25
CA THR B 69 -19.83 -2.44 -0.14
C THR B 69 -19.61 -3.14 -1.47
N ASP B 70 -19.78 -2.45 -2.61
CA ASP B 70 -19.69 -3.08 -3.92
C ASP B 70 -18.52 -2.45 -4.65
N PHE B 71 -17.50 -3.25 -4.86
CA PHE B 71 -16.29 -2.80 -5.52
C PHE B 71 -16.06 -3.68 -6.73
N THR B 72 -15.70 -3.05 -7.83
CA THR B 72 -15.41 -3.74 -9.07
C THR B 72 -14.03 -3.31 -9.52
N PHE B 73 -13.24 -4.29 -9.91
CA PHE B 73 -11.94 -4.09 -10.50
C PHE B 73 -12.04 -4.59 -11.92
N THR B 74 -11.48 -3.84 -12.84
CA THR B 74 -11.62 -4.13 -14.26
C THR B 74 -10.30 -3.98 -14.96
N ILE B 75 -9.93 -4.99 -15.73
CA ILE B 75 -8.91 -4.88 -16.76
C ILE B 75 -9.65 -4.73 -18.08
N SER B 76 -9.77 -3.50 -18.58
CA SER B 76 -10.57 -3.25 -19.77
C SER B 76 -10.12 -4.06 -20.98
N ALA B 77 -8.85 -4.50 -21.03
CA ALA B 77 -8.40 -5.40 -22.10
C ALA B 77 -7.22 -6.21 -21.56
N VAL B 78 -7.48 -7.46 -21.23
CA VAL B 78 -6.45 -8.27 -20.58
C VAL B 78 -5.30 -8.48 -21.55
N GLN B 79 -4.08 -8.26 -21.06
CA GLN B 79 -2.87 -8.59 -21.80
C GLN B 79 -2.19 -9.77 -21.13
N ALA B 80 -1.47 -10.54 -21.94
CA ALA B 80 -0.86 -11.77 -21.44
C ALA B 80 -0.06 -11.54 -20.16
N GLU B 81 0.57 -10.36 -20.04
CA GLU B 81 1.35 -10.00 -18.87
C GLU B 81 0.51 -10.10 -17.60
N ASP B 82 -0.79 -9.90 -17.71
CA ASP B 82 -1.68 -9.75 -16.56
C ASP B 82 -2.06 -11.08 -15.89
N LEU B 83 -1.37 -12.17 -16.21
CA LEU B 83 -1.45 -13.39 -15.42
C LEU B 83 -1.06 -13.11 -13.99
N ALA B 84 -2.00 -13.28 -13.06
CA ALA B 84 -1.74 -13.05 -11.65
C ALA B 84 -2.98 -13.44 -10.87
N VAL B 85 -2.86 -13.37 -9.55
CA VAL B 85 -4.01 -13.40 -8.67
C VAL B 85 -4.33 -11.95 -8.33
N TYR B 86 -5.60 -11.59 -8.36
CA TYR B 86 -6.05 -10.25 -8.03
C TYR B 86 -6.84 -10.32 -6.74
N PHE B 87 -6.66 -9.34 -5.86
CA PHE B 87 -7.52 -9.36 -4.70
C PHE B 87 -7.78 -7.96 -4.19
N CYS B 88 -9.03 -7.73 -3.80
CA CYS B 88 -9.34 -6.52 -3.08
C CYS B 88 -8.75 -6.63 -1.69
N GLN B 89 -8.57 -5.48 -1.06
CA GLN B 89 -8.28 -5.44 0.36
C GLN B 89 -9.09 -4.29 0.93
N GLN B 90 -9.81 -4.56 2.01
CA GLN B 90 -10.48 -3.51 2.74
C GLN B 90 -9.44 -2.94 3.69
N ASN B 91 -9.27 -1.63 3.71
CA ASN B 91 -8.40 -1.05 4.74
C ASN B 91 -9.14 0.05 5.46
N TYR B 92 -10.45 -0.13 5.55
CA TYR B 92 -11.31 0.83 6.21
C TYR B 92 -11.22 0.64 7.70
N ASN B 93 -11.41 -0.58 8.18
CA ASN B 93 -11.38 -0.82 9.60
C ASN B 93 -10.56 -2.06 9.88
N SER B 94 -9.71 -1.96 10.87
CA SER B 94 -8.89 -3.08 11.25
C SER B 94 -9.76 -4.17 11.89
N PRO B 95 -9.38 -5.45 11.72
CA PRO B 95 -8.26 -5.94 10.91
C PRO B 95 -8.56 -5.75 9.45
N TYR B 96 -7.60 -5.25 8.66
CA TYR B 96 -7.80 -5.17 7.23
C TYR B 96 -7.91 -6.59 6.68
N THR B 97 -8.85 -6.79 5.78
CA THR B 97 -9.16 -8.13 5.33
C THR B 97 -9.04 -8.18 3.82
N PHE B 98 -8.69 -9.34 3.31
CA PHE B 98 -8.46 -9.51 1.89
C PHE B 98 -9.63 -10.24 1.26
N GLY B 99 -10.00 -9.85 0.05
CA GLY B 99 -10.79 -10.74 -0.78
C GLY B 99 -10.03 -12.02 -1.03
N GLY B 100 -10.75 -13.13 -1.09
CA GLY B 100 -10.17 -14.33 -1.65
C GLY B 100 -9.80 -13.99 -3.08
N GLY B 101 -8.61 -14.30 -3.53
CA GLY B 101 -8.24 -13.72 -4.81
C GLY B 101 -9.04 -14.19 -6.02
N THR B 102 -8.57 -13.75 -7.17
CA THR B 102 -9.05 -14.20 -8.47
C THR B 102 -7.82 -14.62 -9.24
N LYS B 103 -7.71 -15.91 -9.57
CA LYS B 103 -6.71 -16.38 -10.52
C LYS B 103 -7.19 -16.02 -11.92
N LEU B 104 -6.57 -15.04 -12.52
CA LEU B 104 -6.79 -14.74 -13.92
C LEU B 104 -5.90 -15.63 -14.75
N GLU B 105 -6.48 -16.35 -15.71
CA GLU B 105 -5.72 -17.20 -16.61
C GLU B 105 -6.12 -16.89 -18.05
N ILE B 106 -5.16 -17.03 -18.96
CA ILE B 106 -5.33 -16.61 -20.33
C ILE B 106 -5.77 -17.81 -21.18
N LYS B 107 -6.99 -17.73 -21.71
CA LYS B 107 -7.40 -18.67 -22.75
C LYS B 107 -6.63 -18.36 -24.02
N ARG B 108 -6.15 -19.40 -24.68
CA ARG B 108 -5.14 -19.22 -25.71
C ARG B 108 -5.21 -20.41 -26.66
N ALA B 109 -4.72 -20.19 -27.89
CA ALA B 109 -4.75 -21.25 -28.88
C ALA B 109 -3.93 -22.45 -28.39
N ASP B 110 -4.33 -23.63 -28.82
CA ASP B 110 -3.72 -24.81 -28.26
C ASP B 110 -2.30 -24.95 -28.77
N ALA B 111 -1.58 -25.90 -28.18
CA ALA B 111 -0.16 -26.03 -28.41
C ALA B 111 0.26 -27.39 -27.89
N ALA B 112 0.96 -28.13 -28.73
CA ALA B 112 1.48 -29.40 -28.31
C ALA B 112 2.70 -29.17 -27.43
N PRO B 113 2.89 -29.97 -26.40
CA PRO B 113 4.11 -29.87 -25.61
C PRO B 113 5.30 -30.35 -26.43
N THR B 114 6.31 -29.51 -26.55
CA THR B 114 7.58 -30.03 -27.02
C THR B 114 8.18 -30.87 -25.91
N VAL B 115 8.21 -32.18 -26.11
CA VAL B 115 8.66 -33.10 -25.08
C VAL B 115 10.12 -33.43 -25.31
N SER B 116 10.85 -33.66 -24.23
CA SER B 116 12.19 -34.19 -24.38
C SER B 116 12.57 -34.90 -23.09
N ILE B 117 13.31 -36.00 -23.23
CA ILE B 117 13.60 -36.91 -22.15
C ILE B 117 15.10 -36.89 -21.95
N PHE B 118 15.53 -37.26 -20.76
CA PHE B 118 16.91 -37.04 -20.35
C PHE B 118 17.36 -38.18 -19.47
N PRO B 119 18.27 -39.02 -19.93
CA PRO B 119 18.73 -40.13 -19.09
C PRO B 119 19.46 -39.60 -17.88
N PRO B 120 19.68 -40.42 -16.89
CA PRO B 120 20.59 -40.02 -15.80
C PRO B 120 21.91 -39.45 -16.30
N SER B 121 22.55 -38.67 -15.46
CA SER B 121 23.88 -38.17 -15.75
C SER B 121 24.93 -39.14 -15.23
N SER B 122 26.12 -39.07 -15.82
CA SER B 122 27.26 -39.80 -15.26
C SER B 122 27.44 -39.48 -13.78
N GLU B 123 27.16 -38.25 -13.37
CA GLU B 123 27.35 -37.89 -11.96
C GLU B 123 26.31 -38.54 -11.05
N GLN B 124 25.08 -38.71 -11.53
CA GLN B 124 24.08 -39.31 -10.65
C GLN B 124 24.23 -40.82 -10.56
N LEU B 125 24.56 -41.47 -11.69
CA LEU B 125 24.79 -42.91 -11.65
C LEU B 125 25.94 -43.28 -10.72
N THR B 126 26.91 -42.38 -10.54
CA THR B 126 28.00 -42.65 -9.61
C THR B 126 27.50 -42.75 -8.18
N SER B 127 26.50 -41.95 -7.83
CA SER B 127 25.97 -41.91 -6.47
C SER B 127 24.88 -42.95 -6.23
N GLY B 128 24.68 -43.88 -7.16
CA GLY B 128 23.67 -44.91 -7.02
C GLY B 128 22.27 -44.47 -7.36
N GLY B 129 22.10 -43.25 -7.85
CA GLY B 129 20.79 -42.76 -8.22
C GLY B 129 20.64 -42.72 -9.73
N ALA B 130 19.39 -42.67 -10.16
CA ALA B 130 19.13 -42.64 -11.59
C ALA B 130 17.79 -41.93 -11.80
N SER B 131 17.88 -40.65 -12.11
CA SER B 131 16.70 -39.89 -12.41
C SER B 131 16.56 -39.78 -13.91
N VAL B 132 15.36 -39.97 -14.40
CA VAL B 132 15.07 -39.84 -15.80
C VAL B 132 14.14 -38.66 -15.91
N VAL B 133 14.60 -37.60 -16.51
CA VAL B 133 13.86 -36.35 -16.51
C VAL B 133 13.18 -36.21 -17.84
N CYS B 134 11.96 -35.68 -17.81
CA CYS B 134 11.20 -35.45 -19.02
C CYS B 134 10.56 -34.09 -18.91
N PHE B 135 10.92 -33.19 -19.82
CA PHE B 135 10.32 -31.87 -19.92
C PHE B 135 9.27 -31.87 -21.01
N LEU B 136 8.09 -31.33 -20.69
CA LEU B 136 7.00 -31.10 -21.63
C LEU B 136 6.70 -29.62 -21.57
N ASN B 137 7.15 -28.89 -22.59
CA ASN B 137 7.30 -27.44 -22.52
C ASN B 137 6.30 -26.75 -23.44
N ASN B 138 5.74 -25.65 -22.93
CA ASN B 138 5.00 -24.69 -23.73
C ASN B 138 3.85 -25.35 -24.48
N PHE B 139 2.99 -26.00 -23.71
CA PHE B 139 1.73 -26.53 -24.21
C PHE B 139 0.58 -25.72 -23.67
N TYR B 140 -0.61 -25.98 -24.23
CA TYR B 140 -1.84 -25.43 -23.74
C TYR B 140 -2.95 -26.38 -24.17
N PRO B 141 -3.99 -26.60 -23.32
CA PRO B 141 -4.15 -26.01 -21.99
C PRO B 141 -3.35 -26.79 -20.96
N LYS B 142 -3.52 -26.45 -19.68
CA LYS B 142 -2.69 -27.02 -18.64
C LYS B 142 -2.87 -28.52 -18.50
N ASP B 143 -3.99 -29.07 -19.01
CA ASP B 143 -4.32 -30.47 -18.80
C ASP B 143 -3.38 -31.35 -19.59
N ILE B 144 -2.62 -32.19 -18.89
CA ILE B 144 -1.65 -33.05 -19.53
C ILE B 144 -1.38 -34.24 -18.61
N ASN B 145 -1.26 -35.41 -19.20
CA ASN B 145 -1.02 -36.63 -18.45
C ASN B 145 0.31 -37.21 -18.90
N VAL B 146 1.12 -37.64 -17.94
CA VAL B 146 2.45 -38.18 -18.20
C VAL B 146 2.50 -39.59 -17.65
N LYS B 147 2.94 -40.52 -18.49
CA LYS B 147 3.12 -41.93 -18.12
C LYS B 147 4.57 -42.31 -18.35
N TRP B 148 5.18 -42.97 -17.37
CA TRP B 148 6.54 -43.49 -17.47
C TRP B 148 6.50 -44.99 -17.77
N LYS B 149 7.04 -45.37 -18.93
CA LYS B 149 7.26 -46.78 -19.27
C LYS B 149 8.71 -47.14 -19.01
N ILE B 150 8.91 -48.24 -18.30
CA ILE B 150 10.20 -48.90 -18.22
C ILE B 150 10.11 -50.16 -19.08
N ASP B 151 10.65 -50.08 -20.30
CA ASP B 151 10.68 -51.17 -21.28
C ASP B 151 9.28 -51.53 -21.79
N GLY B 152 8.37 -50.57 -21.77
CA GLY B 152 7.00 -50.78 -22.15
C GLY B 152 6.05 -51.02 -20.99
N SER B 153 6.58 -51.30 -19.81
CA SER B 153 5.77 -51.48 -18.61
C SER B 153 5.61 -50.13 -17.94
N GLU B 154 4.36 -49.74 -17.68
CA GLU B 154 4.11 -48.45 -17.06
C GLU B 154 4.61 -48.45 -15.61
N ARG B 155 4.76 -47.25 -15.06
CA ARG B 155 5.38 -47.10 -13.75
C ARG B 155 4.84 -45.85 -13.08
N GLN B 156 4.60 -45.95 -11.76
CA GLN B 156 4.09 -44.81 -11.00
C GLN B 156 4.94 -44.44 -9.80
N ASN B 157 5.51 -45.41 -9.09
CA ASN B 157 6.33 -45.07 -7.93
C ASN B 157 7.59 -44.35 -8.38
N GLY B 158 8.02 -43.38 -7.56
CA GLY B 158 9.18 -42.58 -7.90
C GLY B 158 8.96 -41.63 -9.06
N VAL B 159 7.73 -41.19 -9.30
CA VAL B 159 7.41 -40.27 -10.37
C VAL B 159 7.02 -38.93 -9.76
N LEU B 160 7.94 -37.96 -9.85
CA LEU B 160 7.74 -36.60 -9.36
C LEU B 160 7.44 -35.66 -10.51
N ASN B 161 6.34 -34.91 -10.41
CA ASN B 161 5.90 -33.96 -11.42
C ASN B 161 5.84 -32.55 -10.86
N SER B 162 6.26 -31.57 -11.67
CA SER B 162 6.04 -30.17 -11.38
C SER B 162 5.46 -29.49 -12.59
N TRP B 163 4.67 -28.45 -12.34
CA TRP B 163 4.04 -27.66 -13.38
C TRP B 163 4.46 -26.20 -13.19
N THR B 164 4.94 -25.60 -14.26
CA THR B 164 5.16 -24.17 -14.22
C THR B 164 3.84 -23.45 -14.17
N ASP B 165 3.88 -22.20 -13.73
CA ASP B 165 2.72 -21.35 -13.87
C ASP B 165 2.53 -20.99 -15.34
N GLN B 166 1.32 -20.56 -15.69
CA GLN B 166 1.09 -20.16 -17.08
C GLN B 166 2.08 -19.08 -17.48
N ASP B 167 2.51 -19.12 -18.73
CA ASP B 167 3.56 -18.21 -19.16
C ASP B 167 3.03 -16.80 -19.32
N SER B 168 3.80 -15.82 -18.86
CA SER B 168 3.38 -14.43 -19.02
C SER B 168 3.39 -14.02 -20.48
N LYS B 169 4.28 -14.62 -21.31
CA LYS B 169 4.54 -14.17 -22.67
C LYS B 169 3.67 -14.91 -23.68
N ASP B 170 3.70 -16.24 -23.67
CA ASP B 170 2.94 -17.03 -24.65
C ASP B 170 1.74 -17.74 -24.06
N SER B 171 1.45 -17.56 -22.76
CA SER B 171 0.26 -18.12 -22.14
C SER B 171 0.21 -19.65 -22.23
N THR B 172 1.37 -20.30 -22.14
CA THR B 172 1.39 -21.75 -22.21
C THR B 172 1.89 -22.32 -20.89
N TYR B 173 1.56 -23.58 -20.67
CA TYR B 173 2.03 -24.30 -19.50
C TYR B 173 3.19 -25.19 -19.88
N SER B 174 3.89 -25.65 -18.87
CA SER B 174 5.07 -26.44 -19.08
C SER B 174 5.24 -27.34 -17.86
N MET B 175 5.65 -28.58 -18.09
CA MET B 175 5.69 -29.57 -17.02
C MET B 175 6.97 -30.39 -17.10
N SER B 176 7.43 -30.81 -15.92
CA SER B 176 8.64 -31.59 -15.78
C SER B 176 8.32 -32.81 -14.93
N SER B 177 8.52 -33.99 -15.50
CA SER B 177 8.32 -35.26 -14.81
C SER B 177 9.66 -35.94 -14.65
N THR B 178 9.98 -36.31 -13.42
CA THR B 178 11.22 -37.00 -13.10
C THR B 178 10.90 -38.39 -12.55
N LEU B 179 11.69 -39.37 -12.97
CA LEU B 179 11.54 -40.75 -12.50
C LEU B 179 12.88 -41.18 -11.92
N THR B 180 12.95 -41.31 -10.60
CA THR B 180 14.19 -41.68 -9.92
C THR B 180 14.13 -43.15 -9.53
N LEU B 181 14.72 -44.01 -10.37
CA LEU B 181 15.07 -45.35 -9.94
C LEU B 181 16.38 -45.32 -9.17
N THR B 182 16.71 -46.45 -8.56
CA THR B 182 18.10 -46.65 -8.20
C THR B 182 18.93 -46.89 -9.46
N LYS B 183 20.24 -46.78 -9.31
CA LYS B 183 21.16 -47.16 -10.38
C LYS B 183 20.97 -48.63 -10.75
N ASP B 184 21.10 -49.52 -9.75
CA ASP B 184 20.92 -50.95 -9.99
C ASP B 184 19.63 -51.23 -10.76
N GLU B 185 18.52 -50.71 -10.26
CA GLU B 185 17.26 -50.89 -10.98
C GLU B 185 17.33 -50.29 -12.36
N TYR B 186 18.08 -49.19 -12.51
CA TYR B 186 18.14 -48.52 -13.79
C TYR B 186 19.00 -49.28 -14.79
N GLU B 187 20.12 -49.85 -14.32
CA GLU B 187 21.04 -50.54 -15.21
C GLU B 187 20.41 -51.79 -15.83
N ARG B 188 19.36 -52.35 -15.22
CA ARG B 188 18.79 -53.60 -15.71
C ARG B 188 17.50 -53.40 -16.50
N HIS B 189 17.29 -52.21 -17.07
CA HIS B 189 16.32 -52.02 -18.13
C HIS B 189 16.95 -51.21 -19.24
N ASN B 190 16.33 -51.23 -20.41
CA ASN B 190 16.94 -50.55 -21.54
C ASN B 190 16.11 -49.38 -22.04
N SER B 191 14.82 -49.59 -22.32
CA SER B 191 13.97 -48.53 -22.84
C SER B 191 13.31 -47.79 -21.67
N TYR B 192 13.51 -46.49 -21.58
CA TYR B 192 12.83 -45.63 -20.63
C TYR B 192 12.05 -44.59 -21.40
N THR B 193 10.75 -44.54 -21.16
CA THR B 193 9.87 -43.79 -22.05
C THR B 193 8.98 -42.84 -21.28
N CYS B 194 8.86 -41.62 -21.81
CA CYS B 194 7.98 -40.59 -21.30
C CYS B 194 6.79 -40.47 -22.25
N GLU B 195 5.58 -40.51 -21.70
CA GLU B 195 4.35 -40.63 -22.49
C GLU B 195 3.43 -39.46 -22.20
N ALA B 196 3.16 -38.64 -23.20
CA ALA B 196 2.43 -37.39 -23.03
C ALA B 196 1.03 -37.52 -23.61
N THR B 197 0.05 -37.69 -22.72
CA THR B 197 -1.36 -37.64 -23.10
C THR B 197 -1.81 -36.19 -23.00
N HIS B 198 -2.08 -35.57 -24.14
CA HIS B 198 -2.51 -34.18 -24.18
C HIS B 198 -3.58 -34.00 -25.25
N LYS B 199 -4.36 -32.93 -25.09
CA LYS B 199 -5.49 -32.61 -25.94
C LYS B 199 -5.10 -32.41 -27.41
N THR B 200 -3.83 -32.13 -27.71
CA THR B 200 -3.49 -31.66 -29.04
C THR B 200 -3.43 -32.79 -30.06
N SER B 201 -2.44 -33.67 -29.93
CA SER B 201 -2.39 -34.86 -30.77
C SER B 201 -3.45 -35.85 -30.32
N THR B 202 -3.87 -36.68 -31.26
CA THR B 202 -4.79 -37.76 -30.94
C THR B 202 -4.07 -38.93 -30.28
N SER B 203 -2.87 -39.20 -30.73
CA SER B 203 -2.04 -40.24 -30.11
C SER B 203 -1.05 -39.61 -29.13
N PRO B 204 -0.93 -40.19 -27.92
CA PRO B 204 0.04 -39.68 -26.94
C PRO B 204 1.43 -39.39 -27.50
N ILE B 205 1.88 -38.16 -27.27
CA ILE B 205 3.26 -37.80 -27.60
C ILE B 205 4.20 -38.67 -26.78
N VAL B 206 5.18 -39.27 -27.43
CA VAL B 206 6.08 -40.21 -26.77
C VAL B 206 7.50 -39.89 -27.20
N LYS B 207 8.41 -39.89 -26.24
CA LYS B 207 9.82 -39.84 -26.54
C LYS B 207 10.51 -40.77 -25.55
N SER B 208 11.59 -41.40 -26.01
CA SER B 208 12.26 -42.39 -25.18
C SER B 208 13.71 -42.53 -25.59
N PHE B 209 14.44 -43.32 -24.81
CA PHE B 209 15.80 -43.68 -25.14
C PHE B 209 16.02 -45.13 -24.71
N ASN B 210 17.16 -45.67 -25.12
CA ASN B 210 17.55 -47.02 -24.74
C ASN B 210 18.96 -46.99 -24.18
N ARG B 211 19.11 -47.41 -22.93
CA ARG B 211 20.42 -47.81 -22.40
C ARG B 211 20.27 -48.22 -20.94
N GLY B 212 20.76 -49.42 -20.63
CA GLY B 212 20.81 -49.95 -19.27
C GLY B 212 21.46 -49.02 -18.26
N ASP C 1 -16.18 41.23 7.78
CA ASP C 1 -15.01 40.88 8.59
C ASP C 1 -14.49 39.50 8.19
N SER C 2 -15.44 38.59 7.94
CA SER C 2 -15.14 37.23 7.53
C SER C 2 -15.24 37.06 6.03
N GLY C 3 -14.85 38.07 5.25
CA GLY C 3 -14.83 37.94 3.81
C GLY C 3 -13.61 37.16 3.36
N PRO C 4 -13.20 37.35 2.11
CA PRO C 4 -12.02 36.65 1.61
C PRO C 4 -10.73 37.23 2.18
N ILE C 5 -9.69 36.39 2.24
CA ILE C 5 -8.39 36.91 2.61
C ILE C 5 -7.79 37.69 1.45
N ILE C 6 -7.95 37.17 0.23
CA ILE C 6 -7.28 37.74 -0.93
C ILE C 6 -8.09 37.61 -2.20
N CYS C 7 -9.02 36.65 -2.23
CA CYS C 7 -9.66 36.22 -3.48
C CYS C 7 -11.15 36.06 -3.26
N ALA C 8 -11.95 36.80 -4.03
CA ALA C 8 -13.39 36.53 -4.08
C ALA C 8 -13.64 35.08 -4.50
N GLY C 9 -14.71 34.50 -3.96
CA GLY C 9 -15.07 33.11 -4.16
C GLY C 9 -15.05 32.71 -5.62
N PRO C 10 -14.76 31.44 -5.92
CA PRO C 10 -14.61 31.03 -7.31
C PRO C 10 -15.92 30.86 -8.03
N ILE C 11 -15.86 31.02 -9.34
CA ILE C 11 -16.95 30.58 -10.19
C ILE C 11 -16.38 29.59 -11.20
N HIS C 12 -16.07 28.39 -10.72
CA HIS C 12 -15.62 27.33 -11.59
C HIS C 12 -16.67 26.99 -12.63
N SER C 13 -16.19 26.64 -13.82
CA SER C 13 -17.03 26.21 -14.91
C SER C 13 -16.79 24.76 -15.32
N ASN C 14 -15.59 24.21 -15.10
CA ASN C 14 -15.33 22.81 -15.40
C ASN C 14 -14.96 22.07 -14.12
N LYS C 15 -15.79 21.09 -13.74
CA LYS C 15 -15.45 20.23 -12.61
C LYS C 15 -14.21 19.39 -12.87
N SER C 16 -13.76 19.30 -14.11
CA SER C 16 -12.60 18.50 -14.42
C SER C 16 -11.33 19.32 -14.55
N ALA C 17 -11.42 20.65 -14.35
CA ALA C 17 -10.22 21.47 -14.40
C ALA C 17 -9.22 21.01 -13.36
N ASP C 18 -7.97 20.95 -13.76
CA ASP C 18 -6.89 20.58 -12.84
C ASP C 18 -6.74 21.62 -11.72
N ILE C 19 -6.37 21.13 -10.55
CA ILE C 19 -5.97 21.98 -9.44
C ILE C 19 -4.45 22.11 -9.50
N PRO C 20 -3.92 23.31 -9.75
CA PRO C 20 -2.48 23.46 -9.91
C PRO C 20 -1.78 23.61 -8.58
N HIS C 21 -0.57 23.06 -8.51
CA HIS C 21 0.27 23.29 -7.35
C HIS C 21 0.90 24.67 -7.47
N LEU C 22 0.60 25.56 -6.54
CA LEU C 22 1.13 26.92 -6.55
C LEU C 22 2.17 27.06 -5.46
N LEU C 23 3.33 27.63 -5.81
CA LEU C 23 4.38 27.82 -4.81
C LEU C 23 4.10 29.01 -3.91
N GLY C 24 3.47 30.05 -4.44
CA GLY C 24 3.41 31.31 -3.73
C GLY C 24 2.47 31.27 -2.55
N TYR C 25 2.90 31.88 -1.45
CA TYR C 25 2.06 31.93 -0.26
C TYR C 25 0.73 32.63 -0.56
N SER C 26 0.79 33.78 -1.23
CA SER C 26 -0.45 34.45 -1.58
C SER C 26 -1.22 33.65 -2.62
N GLU C 27 -0.53 32.88 -3.43
CA GLU C 27 -1.21 31.94 -4.31
C GLU C 27 -1.96 30.89 -3.50
N LYS C 28 -1.28 30.24 -2.55
CA LYS C 28 -1.90 29.17 -1.78
C LYS C 28 -3.05 29.71 -0.95
N ILE C 29 -2.91 30.93 -0.44
CA ILE C 29 -3.98 31.51 0.36
C ILE C 29 -5.20 31.75 -0.51
N CYS C 30 -4.96 32.13 -1.77
CA CYS C 30 -6.07 32.32 -2.69
C CYS C 30 -6.81 31.02 -2.95
N GLN C 31 -6.05 29.93 -3.13
CA GLN C 31 -6.69 28.63 -3.18
C GLN C 31 -7.50 28.38 -1.90
N ILE C 32 -6.91 28.67 -0.75
CA ILE C 32 -7.65 28.48 0.50
C ILE C 32 -8.91 29.33 0.51
N ASP C 33 -8.84 30.54 -0.05
CA ASP C 33 -10.03 31.38 -0.16
C ASP C 33 -11.11 30.71 -1.00
N ARG C 34 -10.73 30.13 -2.14
CA ARG C 34 -11.66 29.51 -3.06
C ARG C 34 -12.04 28.08 -2.67
N LEU C 35 -11.64 27.63 -1.48
CA LEU C 35 -11.81 26.25 -1.05
C LEU C 35 -11.26 25.25 -2.08
N ILE C 36 -10.27 25.67 -2.86
CA ILE C 36 -9.61 24.73 -3.77
C ILE C 36 -8.85 23.66 -2.99
N HIS C 37 -8.43 23.96 -1.77
CA HIS C 37 -7.73 22.94 -0.99
C HIS C 37 -8.69 21.83 -0.57
N VAL C 38 -9.87 22.19 -0.09
CA VAL C 38 -10.85 21.19 0.26
C VAL C 38 -11.25 20.42 -0.99
N SER C 39 -11.46 21.12 -2.10
CA SER C 39 -11.74 20.40 -3.33
C SER C 39 -10.61 19.47 -3.65
N SER C 40 -9.37 19.91 -3.43
CA SER C 40 -8.23 19.03 -3.67
C SER C 40 -8.29 17.80 -2.80
N TRP C 41 -8.47 18.02 -1.51
CA TRP C 41 -8.61 16.92 -0.56
C TRP C 41 -9.64 15.93 -1.06
N LEU C 42 -10.81 16.43 -1.47
CA LEU C 42 -11.89 15.56 -1.89
C LEU C 42 -11.49 14.76 -3.12
N ARG C 43 -10.88 15.43 -4.11
CA ARG C 43 -10.40 14.69 -5.27
C ARG C 43 -9.39 13.63 -4.88
N ASN C 44 -8.59 13.90 -3.87
CA ASN C 44 -7.53 12.96 -3.57
C ASN C 44 -8.04 11.73 -2.85
N HIS C 45 -9.00 11.90 -1.94
CA HIS C 45 -9.37 10.84 -1.02
C HIS C 45 -10.76 10.26 -1.25
N SER C 46 -11.63 11.00 -1.94
CA SER C 46 -13.05 10.70 -1.82
C SER C 46 -13.73 10.40 -3.13
N GLN C 47 -13.00 10.18 -4.22
CA GLN C 47 -13.64 9.92 -5.52
C GLN C 47 -14.50 11.11 -5.93
N PHE C 48 -13.99 12.30 -5.66
CA PHE C 48 -14.72 13.52 -5.91
C PHE C 48 -14.18 14.20 -7.15
N GLN C 49 -15.09 14.59 -8.04
CA GLN C 49 -14.76 15.41 -9.20
C GLN C 49 -15.23 16.81 -8.90
N GLY C 50 -14.35 17.77 -9.08
CA GLY C 50 -14.86 19.11 -9.17
C GLY C 50 -14.39 19.92 -8.01
N TYR C 51 -15.30 20.71 -7.45
CA TYR C 51 -14.94 21.67 -6.45
C TYR C 51 -16.06 21.79 -5.45
N VAL C 52 -15.69 22.19 -4.24
CA VAL C 52 -16.61 22.72 -3.27
C VAL C 52 -16.27 24.19 -3.11
N GLY C 53 -17.17 24.93 -2.50
CA GLY C 53 -16.95 26.35 -2.37
C GLY C 53 -17.24 27.14 -3.62
N GLN C 54 -18.05 26.59 -4.53
CA GLN C 54 -18.50 27.37 -5.66
C GLN C 54 -19.28 28.59 -5.20
N ARG C 55 -18.85 29.76 -5.68
CA ARG C 55 -19.50 31.05 -5.47
C ARG C 55 -19.20 31.64 -4.09
N GLY C 56 -19.27 30.83 -3.04
CA GLY C 56 -19.14 31.33 -1.68
C GLY C 56 -17.74 31.21 -1.11
N GLY C 57 -16.90 30.32 -1.67
CA GLY C 57 -15.56 30.15 -1.14
C GLY C 57 -15.46 29.96 0.38
N ARG C 58 -14.27 30.18 0.93
CA ARG C 58 -14.00 29.79 2.31
C ARG C 58 -14.83 30.58 3.31
N SER C 59 -15.24 31.79 2.95
CA SER C 59 -15.99 32.59 3.90
C SER C 59 -17.37 32.03 4.20
N GLN C 60 -17.85 31.07 3.41
CA GLN C 60 -19.21 30.56 3.55
C GLN C 60 -19.24 29.08 3.90
N VAL C 61 -18.13 28.53 4.36
CA VAL C 61 -18.15 27.14 4.78
C VAL C 61 -19.07 27.04 6.00
N SER C 62 -19.77 25.93 6.11
CA SER C 62 -20.51 25.70 7.34
C SER C 62 -19.54 25.40 8.47
N TYR C 63 -19.98 25.71 9.70
CA TYR C 63 -19.22 25.45 10.91
C TYR C 63 -20.09 24.78 11.96
N TYR C 64 -19.48 23.96 12.81
CA TYR C 64 -20.16 23.44 13.99
C TYR C 64 -19.31 23.70 15.22
N PRO C 65 -19.80 24.45 16.20
CA PRO C 65 -21.12 25.08 16.23
C PRO C 65 -21.15 26.29 15.31
N ALA C 66 -22.35 26.77 14.96
CA ALA C 66 -22.49 27.82 13.97
C ALA C 66 -22.01 29.17 14.49
N GLU C 67 -22.32 29.52 15.75
CA GLU C 67 -21.59 30.65 16.33
C GLU C 67 -20.15 30.21 16.37
N ASN C 68 -19.26 30.99 15.76
CA ASN C 68 -17.90 30.54 15.53
C ASN C 68 -17.04 31.78 15.55
N SER C 69 -16.39 31.99 16.69
CA SER C 69 -15.61 33.19 16.89
C SER C 69 -14.59 33.35 15.77
N TYR C 70 -13.84 32.28 15.48
CA TYR C 70 -12.65 32.43 14.67
C TYR C 70 -12.94 32.58 13.17
N SER C 71 -14.12 32.17 12.68
CA SER C 71 -14.42 32.35 11.27
C SER C 71 -14.61 33.79 10.91
N ARG C 72 -14.93 34.64 11.89
CA ARG C 72 -15.06 36.07 11.65
C ARG C 72 -13.73 36.68 11.22
N TRP C 73 -12.62 36.16 11.72
CA TRP C 73 -11.30 36.59 11.29
C TRP C 73 -10.86 35.71 10.13
N SER C 74 -11.07 36.19 8.91
CA SER C 74 -10.78 35.39 7.73
C SER C 74 -9.35 34.87 7.74
N GLY C 75 -8.41 35.62 8.30
CA GLY C 75 -7.01 35.26 8.30
C GLY C 75 -6.64 34.26 9.35
N LEU C 76 -7.61 33.82 10.15
CA LEU C 76 -7.41 32.72 11.07
C LEU C 76 -7.58 31.39 10.33
N LEU C 77 -6.60 30.51 10.46
CA LEU C 77 -6.51 29.32 9.66
C LEU C 77 -7.19 28.14 10.35
N SER C 78 -8.17 27.56 9.66
CA SER C 78 -8.75 26.31 10.10
C SER C 78 -7.81 25.16 9.79
N PRO C 79 -8.02 23.99 10.39
CA PRO C 79 -7.21 22.82 10.03
C PRO C 79 -7.02 22.57 8.55
N CYS C 80 -8.09 22.61 7.74
CA CYS C 80 -7.88 22.45 6.31
C CYS C 80 -6.97 23.54 5.77
N ASP C 81 -7.09 24.75 6.30
CA ASP C 81 -6.27 25.84 5.80
C ASP C 81 -4.81 25.56 6.08
N ALA C 82 -4.50 25.16 7.31
CA ALA C 82 -3.11 24.86 7.65
C ALA C 82 -2.61 23.70 6.83
N ASP C 83 -3.47 22.71 6.58
CA ASP C 83 -3.06 21.53 5.82
C ASP C 83 -2.58 21.92 4.43
N TRP C 84 -3.30 22.81 3.77
CA TRP C 84 -2.85 23.29 2.46
C TRP C 84 -1.48 23.96 2.54
N LEU C 85 -1.20 24.63 3.64
CA LEU C 85 0.04 25.37 3.79
C LEU C 85 1.13 24.53 4.42
N GLY C 86 0.89 23.24 4.57
CA GLY C 86 1.91 22.35 5.06
C GLY C 86 2.15 22.38 6.54
N MET C 87 1.22 22.91 7.33
CA MET C 87 1.46 23.10 8.76
C MET C 87 0.91 21.98 9.60
N LEU C 88 -0.13 21.31 9.13
CA LEU C 88 -0.57 20.08 9.75
C LEU C 88 -1.14 19.21 8.65
N VAL C 89 -1.76 18.11 9.04
CA VAL C 89 -2.35 17.17 8.11
C VAL C 89 -3.75 16.83 8.59
N VAL C 90 -4.75 17.08 7.75
CA VAL C 90 -6.11 16.59 7.92
C VAL C 90 -6.19 15.23 7.22
N LYS C 91 -6.22 14.16 8.00
CA LYS C 91 -6.20 12.85 7.40
C LYS C 91 -7.60 12.40 7.07
N LYS C 92 -7.65 11.39 6.21
CA LYS C 92 -8.90 10.83 5.72
C LYS C 92 -9.48 9.92 6.79
N ALA C 93 -10.72 10.16 7.16
CA ALA C 93 -11.33 9.34 8.18
C ALA C 93 -11.46 7.91 7.69
N LYS C 94 -11.12 7.00 8.56
CA LYS C 94 -11.33 5.61 8.28
C LYS C 94 -12.38 5.11 9.28
N GLY C 95 -12.46 3.82 9.51
CA GLY C 95 -13.57 3.29 10.28
C GLY C 95 -13.45 3.57 11.74
N SER C 96 -12.24 3.74 12.23
CA SER C 96 -12.04 3.98 13.65
C SER C 96 -12.15 5.46 14.02
N ASP C 97 -12.60 6.33 13.12
CA ASP C 97 -12.72 7.77 13.37
C ASP C 97 -14.18 8.11 13.68
N MET C 98 -14.42 8.62 14.88
CA MET C 98 -15.80 8.78 15.29
C MET C 98 -16.36 10.09 14.75
N ILE C 99 -17.55 10.00 14.17
CA ILE C 99 -18.29 11.17 13.74
C ILE C 99 -19.02 11.72 14.95
N VAL C 100 -18.65 12.91 15.39
CA VAL C 100 -19.30 13.48 16.58
C VAL C 100 -20.74 13.80 16.26
N PRO C 101 -21.67 13.53 17.16
CA PRO C 101 -23.05 13.98 16.95
C PRO C 101 -23.12 15.46 17.21
N GLY C 102 -24.14 16.10 16.64
CA GLY C 102 -24.28 17.53 16.79
C GLY C 102 -24.44 18.25 15.46
N PRO C 103 -23.41 18.18 14.62
CA PRO C 103 -23.46 18.90 13.33
C PRO C 103 -24.64 18.48 12.45
N SER C 104 -25.04 19.42 11.60
CA SER C 104 -26.00 19.13 10.54
C SER C 104 -25.20 18.54 9.37
N TYR C 105 -24.98 17.22 9.43
CA TYR C 105 -24.19 16.56 8.39
C TYR C 105 -24.93 16.45 7.08
N LYS C 106 -26.26 16.47 7.11
CA LYS C 106 -27.03 16.10 5.94
C LYS C 106 -26.64 16.95 4.74
N GLY C 107 -26.26 16.28 3.67
CA GLY C 107 -25.94 16.96 2.45
C GLY C 107 -24.54 17.47 2.41
N LYS C 108 -23.77 17.26 3.46
CA LYS C 108 -22.42 17.73 3.45
C LYS C 108 -21.60 16.80 2.59
N VAL C 109 -20.61 17.36 1.92
CA VAL C 109 -19.71 16.59 1.10
C VAL C 109 -18.33 16.47 1.73
N PHE C 110 -17.97 17.39 2.61
CA PHE C 110 -16.73 17.28 3.36
C PHE C 110 -17.00 17.82 4.75
N PHE C 111 -16.58 17.08 5.76
CA PHE C 111 -16.47 17.69 7.06
C PHE C 111 -15.16 17.23 7.69
N GLU C 112 -14.62 18.08 8.55
CA GLU C 112 -13.40 17.74 9.24
C GLU C 112 -13.54 18.14 10.70
N ARG C 113 -12.87 17.41 11.57
CA ARG C 113 -12.79 17.87 12.93
C ARG C 113 -11.38 17.60 13.44
N PRO C 114 -10.88 18.47 14.29
CA PRO C 114 -9.79 18.08 15.18
C PRO C 114 -10.20 16.85 15.96
N THR C 115 -9.26 15.95 16.11
CA THR C 115 -9.39 14.82 16.99
C THR C 115 -8.29 14.94 18.05
N PHE C 116 -8.34 14.05 19.03
CA PHE C 116 -7.43 14.14 20.15
C PHE C 116 -5.97 14.12 19.70
N ASP C 117 -5.67 13.41 18.62
CA ASP C 117 -4.31 13.21 18.16
C ASP C 117 -4.06 13.76 16.77
N GLY C 118 -5.08 14.34 16.14
CA GLY C 118 -4.89 14.86 14.81
C GLY C 118 -6.09 15.58 14.27
N TYR C 119 -6.23 15.53 12.96
CA TYR C 119 -7.31 16.20 12.26
C TYR C 119 -7.78 15.23 11.20
N VAL C 120 -9.09 15.08 11.12
CA VAL C 120 -9.72 14.01 10.37
C VAL C 120 -10.81 14.64 9.51
N GLY C 121 -10.82 14.29 8.26
CA GLY C 121 -11.79 14.82 7.31
C GLY C 121 -12.53 13.63 6.74
N TRP C 122 -13.83 13.82 6.52
CA TRP C 122 -14.67 12.83 5.86
C TRP C 122 -15.07 13.40 4.52
N GLY C 123 -14.94 12.61 3.47
CA GLY C 123 -15.34 13.10 2.17
C GLY C 123 -16.51 12.33 1.58
N CYS C 124 -17.07 12.84 0.49
CA CYS C 124 -18.02 12.07 -0.30
C CYS C 124 -17.59 12.15 -1.75
N GLY C 125 -17.81 11.07 -2.49
CA GLY C 125 -17.49 11.03 -3.89
C GLY C 125 -18.46 11.82 -4.72
N SER C 126 -18.20 11.83 -6.03
CA SER C 126 -19.02 12.61 -6.94
C SER C 126 -20.50 12.25 -6.80
N GLY C 127 -21.34 13.28 -6.89
CA GLY C 127 -22.77 13.07 -6.80
C GLY C 127 -23.26 12.39 -5.54
N LYS C 128 -22.47 12.34 -4.47
CA LYS C 128 -22.97 11.86 -3.19
C LYS C 128 -22.91 12.97 -2.14
N SER C 129 -23.71 12.83 -1.10
CA SER C 129 -23.55 13.67 0.07
C SER C 129 -23.85 12.83 1.30
N ARG C 130 -23.75 13.49 2.45
CA ARG C 130 -23.80 12.79 3.71
C ARG C 130 -25.25 12.67 4.17
N THR C 131 -25.56 11.55 4.80
CA THR C 131 -26.82 11.45 5.50
C THR C 131 -26.82 12.36 6.73
N GLU C 132 -28.00 12.50 7.33
CA GLU C 132 -28.14 13.45 8.43
C GLU C 132 -27.20 13.12 9.58
N SER C 133 -26.98 11.84 9.84
CA SER C 133 -26.06 11.48 10.89
C SER C 133 -24.61 11.61 10.45
N GLY C 134 -24.36 11.80 9.15
CA GLY C 134 -23.01 11.80 8.65
C GLY C 134 -22.33 10.46 8.59
N GLU C 135 -23.01 9.34 8.90
CA GLU C 135 -22.31 8.06 8.84
C GLU C 135 -22.08 7.60 7.40
N LEU C 136 -22.97 7.93 6.48
CA LEU C 136 -22.96 7.40 5.14
C LEU C 136 -22.96 8.53 4.15
N CYS C 137 -22.31 8.29 3.01
CA CYS C 137 -22.52 9.06 1.80
C CYS C 137 -23.58 8.31 0.99
N SER C 138 -24.53 9.04 0.43
CA SER C 138 -25.60 8.44 -0.34
C SER C 138 -25.80 9.30 -1.58
N SER C 139 -26.55 8.79 -2.55
CA SER C 139 -26.74 9.57 -3.75
C SER C 139 -27.31 10.92 -3.39
N ASP C 140 -26.89 11.95 -4.12
CA ASP C 140 -27.48 13.27 -3.98
C ASP C 140 -27.35 13.89 -5.37
N SER C 141 -28.44 13.87 -6.12
CA SER C 141 -28.46 14.55 -7.41
C SER C 141 -28.23 16.04 -7.25
N GLY C 142 -28.52 16.60 -6.07
CA GLY C 142 -28.25 18.00 -5.83
C GLY C 142 -26.79 18.39 -5.95
N THR C 143 -25.87 17.42 -6.05
CA THR C 143 -24.44 17.70 -6.13
C THR C 143 -23.84 17.29 -7.47
N SER C 144 -24.68 17.02 -8.47
CA SER C 144 -24.17 16.41 -9.69
C SER C 144 -23.35 17.39 -10.52
N SER C 145 -23.51 18.70 -10.32
CA SER C 145 -22.65 19.64 -11.02
C SER C 145 -21.18 19.45 -10.64
N GLY C 146 -20.89 18.90 -9.46
CA GLY C 146 -19.51 18.90 -9.03
C GLY C 146 -18.94 20.27 -8.77
N LEU C 147 -19.78 21.30 -8.68
CA LEU C 147 -19.41 22.65 -8.32
C LEU C 147 -20.29 23.01 -7.13
N LEU C 148 -19.83 22.64 -5.96
CA LEU C 148 -20.85 22.70 -4.92
C LEU C 148 -20.71 23.96 -4.10
N PRO C 149 -21.81 24.53 -3.62
CA PRO C 149 -21.71 25.66 -2.71
C PRO C 149 -20.85 25.31 -1.50
N SER C 150 -20.45 26.37 -0.80
CA SER C 150 -19.57 26.24 0.35
C SER C 150 -20.25 25.54 1.51
N ASN C 151 -21.58 25.53 1.57
CA ASN C 151 -22.22 24.90 2.70
C ASN C 151 -22.26 23.38 2.57
N ARG C 152 -21.76 22.81 1.49
CA ARG C 152 -21.48 21.39 1.51
C ARG C 152 -20.19 21.07 2.27
N VAL C 153 -19.52 22.07 2.83
CA VAL C 153 -18.29 21.89 3.59
C VAL C 153 -18.57 22.22 5.03
N LEU C 154 -18.12 21.35 5.93
CA LEU C 154 -18.34 21.58 7.36
C LEU C 154 -17.01 21.51 8.08
N TRP C 155 -16.67 22.59 8.75
CA TRP C 155 -15.47 22.64 9.57
C TRP C 155 -15.94 22.60 11.02
N ILE C 156 -15.69 21.48 11.68
CA ILE C 156 -16.16 21.30 13.04
C ILE C 156 -15.19 22.00 13.97
N GLY C 157 -15.73 22.88 14.80
CA GLY C 157 -14.86 23.47 15.79
C GLY C 157 -14.57 24.93 15.54
N ASP C 158 -14.50 25.68 16.64
CA ASP C 158 -13.93 27.01 16.68
C ASP C 158 -12.42 26.82 16.89
N VAL C 159 -11.67 26.79 15.78
CA VAL C 159 -10.30 26.30 15.75
C VAL C 159 -9.43 27.32 15.04
N ALA C 160 -8.21 27.50 15.52
CA ALA C 160 -7.30 28.46 14.91
C ALA C 160 -5.93 27.83 14.82
N CYS C 161 -5.29 27.94 13.68
CA CYS C 161 -4.03 27.26 13.44
C CYS C 161 -3.00 28.26 12.98
N GLN C 162 -1.76 28.05 13.42
CA GLN C 162 -0.71 29.06 13.30
C GLN C 162 0.62 28.34 13.43
N PRO C 163 1.74 29.01 13.12
CA PRO C 163 3.03 28.35 13.33
C PRO C 163 3.30 28.22 14.82
N MET C 164 3.70 27.03 15.24
CA MET C 164 3.93 26.82 16.65
C MET C 164 5.34 27.26 17.05
N THR C 165 5.56 27.37 18.36
CA THR C 165 6.89 27.35 18.94
C THR C 165 7.09 25.98 19.57
N PRO C 166 7.89 25.12 18.98
CA PRO C 166 8.03 23.75 19.50
C PRO C 166 8.42 23.75 20.97
N ILE C 167 7.89 22.76 21.70
CA ILE C 167 8.18 22.63 23.13
C ILE C 167 8.84 21.28 23.41
N PRO C 168 9.75 21.20 24.37
CA PRO C 168 10.40 19.90 24.64
C PRO C 168 9.38 18.88 25.09
N GLU C 169 9.70 17.61 24.82
CA GLU C 169 8.79 16.52 25.16
C GLU C 169 8.42 16.54 26.65
N GLU C 170 9.38 16.82 27.53
CA GLU C 170 9.09 16.86 28.97
C GLU C 170 8.05 17.93 29.30
N THR C 171 8.06 19.06 28.58
CA THR C 171 7.02 20.08 28.82
C THR C 171 5.66 19.54 28.42
N PHE C 172 5.55 19.00 27.21
CA PHE C 172 4.29 18.42 26.76
C PHE C 172 3.82 17.35 27.74
N LEU C 173 4.75 16.53 28.23
CA LEU C 173 4.40 15.55 29.24
C LEU C 173 3.86 16.19 30.50
N GLU C 174 4.35 17.38 30.84
CA GLU C 174 3.80 18.07 31.99
C GLU C 174 2.43 18.66 31.68
N LEU C 175 2.28 19.29 30.49
CA LEU C 175 0.96 19.75 30.09
C LEU C 175 -0.03 18.59 30.07
N LYS C 176 0.35 17.50 29.39
CA LYS C 176 -0.45 16.28 29.41
C LYS C 176 -0.87 15.90 30.82
N SER C 177 0.07 15.97 31.76
CA SER C 177 -0.23 15.62 33.15
C SER C 177 -1.19 16.60 33.78
N PHE C 178 -1.10 17.88 33.43
CA PHE C 178 -2.08 18.81 33.94
C PHE C 178 -3.45 18.53 33.32
N SER C 179 -3.49 18.29 32.02
CA SER C 179 -4.77 18.00 31.35
C SER C 179 -5.47 16.81 31.99
N GLN C 180 -4.74 15.70 32.21
CA GLN C 180 -5.36 14.57 32.90
C GLN C 180 -5.93 15.00 34.24
N SER C 181 -5.18 15.81 34.98
CA SER C 181 -5.64 16.33 36.27
C SER C 181 -6.94 17.11 36.14
N GLU C 182 -7.04 17.95 35.12
CA GLU C 182 -8.25 18.75 34.95
C GLU C 182 -9.44 17.92 34.47
N PHE C 183 -9.20 16.76 33.85
CA PHE C 183 -10.28 15.90 33.36
C PHE C 183 -10.06 14.49 33.89
N PRO C 184 -10.22 14.28 35.19
CA PRO C 184 -9.94 12.94 35.73
C PRO C 184 -10.95 11.92 35.27
N ASP C 185 -12.15 12.33 34.89
CA ASP C 185 -13.20 11.40 34.53
C ASP C 185 -13.26 11.09 33.03
N ILE C 186 -12.40 11.70 32.23
CA ILE C 186 -12.29 11.36 30.83
C ILE C 186 -11.29 10.23 30.71
N CYS C 187 -11.71 9.15 30.07
CA CYS C 187 -10.85 8.00 29.90
C CYS C 187 -10.17 7.98 28.55
N LYS C 188 -10.93 7.74 27.50
CA LYS C 188 -10.42 7.75 26.15
C LYS C 188 -11.01 8.96 25.44
N ILE C 189 -10.20 9.63 24.64
CA ILE C 189 -10.70 10.69 23.77
C ILE C 189 -10.41 10.27 22.35
N ASP C 190 -11.45 10.20 21.52
CA ASP C 190 -11.29 9.85 20.12
C ASP C 190 -10.47 8.56 19.98
N GLY C 191 -10.77 7.57 20.84
CA GLY C 191 -10.10 6.29 20.83
C GLY C 191 -8.76 6.25 21.52
N ILE C 192 -8.16 7.41 21.83
CA ILE C 192 -6.81 7.43 22.39
C ILE C 192 -6.91 7.46 23.91
N VAL C 193 -6.20 6.53 24.57
CA VAL C 193 -6.25 6.48 26.03
C VAL C 193 -5.69 7.76 26.61
N PHE C 194 -6.45 8.36 27.50
CA PHE C 194 -6.13 9.65 28.08
C PHE C 194 -5.93 9.51 29.58
N ASN C 195 -6.87 8.88 30.26
CA ASN C 195 -6.68 8.43 31.61
C ASN C 195 -6.86 6.92 31.64
N GLN C 196 -6.33 6.34 32.70
CA GLN C 196 -6.46 4.92 32.95
C GLN C 196 -7.69 4.71 33.82
N CYS C 197 -8.74 4.17 33.23
CA CYS C 197 -9.96 3.85 33.96
C CYS C 197 -10.42 2.49 33.45
N GLU C 198 -10.11 1.44 34.21
CA GLU C 198 -10.82 0.20 33.96
C GLU C 198 -12.27 0.51 34.30
N GLY C 199 -13.10 0.69 33.26
CA GLY C 199 -14.51 1.04 33.42
C GLY C 199 -14.92 2.35 32.78
N GLU C 200 -15.49 2.33 31.57
CA GLU C 200 -15.76 3.59 30.87
C GLU C 200 -17.05 3.54 30.06
N SER C 201 -17.65 4.72 29.87
CA SER C 201 -18.88 4.86 29.11
C SER C 201 -18.65 4.71 27.62
N LEU C 202 -19.76 4.60 26.89
CA LEU C 202 -19.71 4.78 25.46
C LEU C 202 -19.16 6.17 25.15
N PRO C 203 -18.45 6.33 24.03
CA PRO C 203 -17.96 7.66 23.66
C PRO C 203 -19.11 8.67 23.60
N GLN C 204 -18.90 9.79 24.26
CA GLN C 204 -19.91 10.82 24.34
C GLN C 204 -19.39 12.05 23.63
N PRO C 205 -20.27 12.87 23.06
CA PRO C 205 -19.80 14.17 22.57
C PRO C 205 -19.03 14.87 23.66
N PHE C 206 -17.92 15.47 23.29
CA PHE C 206 -17.04 16.10 24.28
C PHE C 206 -16.56 17.42 23.72
N ASP C 207 -17.08 18.52 24.25
CA ASP C 207 -16.66 19.84 23.82
C ASP C 207 -15.61 20.33 24.78
N VAL C 208 -14.48 20.78 24.25
CA VAL C 208 -13.36 21.06 25.12
C VAL C 208 -12.45 22.02 24.42
N ALA C 209 -11.81 22.87 25.20
CA ALA C 209 -10.72 23.69 24.70
C ALA C 209 -9.47 22.84 24.61
N TRP C 210 -8.65 23.14 23.62
CA TRP C 210 -7.51 22.27 23.40
C TRP C 210 -6.47 23.02 22.60
N MET C 211 -5.24 22.55 22.72
CA MET C 211 -4.16 23.00 21.87
C MET C 211 -3.43 21.82 21.32
N ASP C 212 -3.05 21.93 20.06
CA ASP C 212 -2.09 21.02 19.44
C ASP C 212 -0.70 21.63 19.65
N VAL C 213 0.17 20.92 20.35
CA VAL C 213 1.54 21.37 20.56
C VAL C 213 2.53 20.47 19.86
N GLY C 214 2.09 19.74 18.84
CA GLY C 214 3.03 18.97 18.06
C GLY C 214 3.57 17.76 18.77
N HIS C 215 2.81 17.18 19.69
CA HIS C 215 3.28 15.86 20.12
C HIS C 215 2.24 14.80 19.81
N SER C 216 2.21 13.72 20.60
CA SER C 216 1.37 12.57 20.24
C SER C 216 -0.11 12.91 20.21
N HIS C 217 -0.56 13.89 20.99
CA HIS C 217 -1.98 14.20 21.05
C HIS C 217 -2.17 15.62 21.57
N LYS C 218 -3.35 16.16 21.35
CA LYS C 218 -3.63 17.51 21.80
C LYS C 218 -3.68 17.54 23.32
N ILE C 219 -3.57 18.73 23.87
CA ILE C 219 -3.73 18.84 25.30
C ILE C 219 -5.01 19.65 25.54
N ILE C 220 -5.98 18.98 26.14
CA ILE C 220 -7.27 19.59 26.39
C ILE C 220 -7.17 20.38 27.68
N MET C 221 -8.01 21.42 27.79
CA MET C 221 -7.86 22.41 28.83
C MET C 221 -9.22 22.82 29.34
N ARG C 222 -9.29 23.13 30.63
CA ARG C 222 -10.45 23.76 31.20
C ARG C 222 -10.03 25.17 31.49
N GLU C 223 -9.61 25.49 32.71
CA GLU C 223 -9.15 26.85 33.00
C GLU C 223 -7.82 27.10 32.30
N HIS C 224 -7.79 28.10 31.43
CA HIS C 224 -6.58 28.50 30.70
C HIS C 224 -6.78 29.92 30.20
N LYS C 225 -5.69 30.67 30.15
CA LYS C 225 -5.70 32.01 29.57
C LYS C 225 -5.15 31.94 28.16
N THR C 226 -5.71 32.74 27.26
CA THR C 226 -5.17 32.91 25.92
C THR C 226 -4.79 34.36 25.70
N LYS C 227 -3.84 34.56 24.81
CA LYS C 227 -3.38 35.91 24.51
C LYS C 227 -3.03 35.97 23.05
N TRP C 228 -3.57 36.97 22.36
CA TRP C 228 -3.34 37.14 20.93
C TRP C 228 -2.31 38.23 20.72
N VAL C 229 -1.16 37.86 20.19
CA VAL C 229 -0.09 38.80 19.88
C VAL C 229 -0.05 39.00 18.37
N GLN C 230 -0.20 40.25 17.94
CA GLN C 230 0.01 40.55 16.53
C GLN C 230 1.51 40.56 16.25
N GLU C 231 1.97 39.63 15.41
CA GLU C 231 3.40 39.46 15.20
C GLU C 231 3.90 40.08 13.89
N SER C 232 3.01 40.39 12.97
CA SER C 232 3.39 41.13 11.77
C SER C 232 4.48 40.42 10.97
N SER C 233 4.66 39.12 11.18
CA SER C 233 5.61 38.38 10.37
C SER C 233 5.08 38.28 8.93
N SER C 234 5.94 37.83 8.02
CA SER C 234 5.54 37.90 6.62
C SER C 234 4.42 36.92 6.30
N LYS C 235 4.18 35.91 7.13
CA LYS C 235 3.00 35.07 6.93
C LYS C 235 1.70 35.85 7.14
N ASP C 236 1.77 37.00 7.82
CA ASP C 236 0.58 37.79 8.12
C ASP C 236 0.25 38.77 7.03
N PHE C 237 0.94 38.70 5.89
CA PHE C 237 0.67 39.59 4.77
C PHE C 237 0.44 38.80 3.50
N VAL C 238 -0.32 39.40 2.61
CA VAL C 238 -0.71 38.76 1.37
C VAL C 238 -0.47 39.75 0.24
N CYS C 239 0.03 39.27 -0.89
CA CYS C 239 0.47 40.17 -1.94
C CYS C 239 -0.30 39.84 -3.19
N TYR C 240 -0.87 40.87 -3.81
CA TYR C 240 -1.84 40.66 -4.87
C TYR C 240 -1.67 41.76 -5.90
N LYS C 241 -2.37 41.59 -7.03
CA LYS C 241 -2.37 42.58 -8.10
C LYS C 241 -3.73 43.24 -8.27
N GLU C 242 -4.55 43.26 -7.22
CA GLU C 242 -5.80 44.03 -7.18
C GLU C 242 -6.60 43.87 -8.47
N GLY C 243 -6.97 42.63 -8.76
CA GLY C 243 -7.66 42.36 -10.00
C GLY C 243 -7.08 41.17 -10.71
N THR C 244 -5.76 41.14 -10.87
CA THR C 244 -5.08 39.94 -11.34
C THR C 244 -4.82 38.95 -10.20
N GLY C 245 -5.24 39.26 -8.98
CA GLY C 245 -5.16 38.32 -7.88
C GLY C 245 -3.77 38.24 -7.26
N PRO C 246 -3.45 37.08 -6.70
CA PRO C 246 -2.17 36.94 -5.99
C PRO C 246 -1.00 36.95 -6.94
N CYS C 247 0.17 37.25 -6.38
CA CYS C 247 1.40 37.41 -7.12
C CYS C 247 2.24 36.16 -7.01
N SER C 248 3.15 35.99 -7.97
CA SER C 248 4.01 34.83 -8.02
C SER C 248 4.86 34.73 -6.75
N GLU C 249 5.48 33.55 -6.55
CA GLU C 249 6.37 33.43 -5.40
C GLU C 249 7.56 34.39 -5.52
N SER C 250 8.10 34.56 -6.73
CA SER C 250 9.15 35.57 -6.92
C SER C 250 8.62 36.95 -6.58
N GLU C 251 7.51 37.35 -7.21
CA GLU C 251 6.91 38.67 -6.95
C GLU C 251 6.69 38.90 -5.47
N GLU C 252 6.12 37.91 -4.78
CA GLU C 252 5.83 38.05 -3.36
C GLU C 252 7.09 37.96 -2.50
N LYS C 253 8.09 37.18 -2.91
CA LYS C 253 9.36 37.21 -2.19
C LYS C 253 10.03 38.58 -2.35
N THR C 254 9.92 39.18 -3.54
CA THR C 254 10.41 40.54 -3.70
C THR C 254 9.78 41.45 -2.67
N CYS C 255 8.45 41.53 -2.67
CA CYS C 255 7.74 42.50 -1.85
C CYS C 255 8.07 42.34 -0.38
N LYS C 256 8.20 41.10 0.10
CA LYS C 256 8.42 40.89 1.52
C LYS C 256 9.89 41.00 1.92
N THR C 257 10.79 41.20 0.97
CA THR C 257 12.22 41.34 1.26
C THR C 257 12.80 42.64 0.79
N SER C 258 12.45 43.07 -0.43
CA SER C 258 13.05 44.27 -0.99
C SER C 258 12.34 45.54 -0.56
N GLY C 259 11.12 45.45 -0.04
CA GLY C 259 10.38 46.67 0.29
C GLY C 259 10.23 47.63 -0.86
N SER C 260 9.93 47.11 -2.05
CA SER C 260 9.76 47.95 -3.23
C SER C 260 8.34 47.96 -3.77
N CYS C 261 7.43 47.18 -3.18
CA CYS C 261 6.07 47.08 -3.64
C CYS C 261 5.18 48.02 -2.82
N ARG C 262 3.89 48.03 -3.13
CA ARG C 262 2.94 48.82 -2.37
C ARG C 262 2.45 48.03 -1.15
N GLY C 263 1.79 48.74 -0.24
CA GLY C 263 1.36 48.09 0.98
C GLY C 263 0.63 48.97 1.97
N ASP C 264 -0.26 48.37 2.75
CA ASP C 264 -0.98 49.12 3.78
C ASP C 264 -0.01 49.53 4.89
N MET C 265 -0.57 50.16 5.92
CA MET C 265 0.26 50.77 6.96
C MET C 265 1.22 49.76 7.57
N GLN C 266 0.69 48.66 8.09
CA GLN C 266 1.53 47.74 8.85
C GLN C 266 2.64 47.15 7.99
N PHE C 267 2.38 46.95 6.69
CA PHE C 267 3.38 46.34 5.82
C PHE C 267 4.51 47.29 5.51
N CYS C 268 4.21 48.57 5.29
CA CYS C 268 5.29 49.53 5.09
C CYS C 268 6.08 49.73 6.37
N LYS C 269 5.40 49.72 7.52
CA LYS C 269 6.08 49.79 8.80
C LYS C 269 7.11 48.67 8.95
N VAL C 270 6.73 47.44 8.60
CA VAL C 270 7.56 46.29 8.95
C VAL C 270 8.40 45.74 7.80
N ALA C 271 8.08 46.07 6.54
CA ALA C 271 8.89 45.59 5.42
C ALA C 271 9.33 46.69 4.48
N GLY C 272 8.88 47.94 4.68
CA GLY C 272 9.16 48.98 3.71
C GLY C 272 8.42 48.78 2.40
N CYS C 273 8.23 49.87 1.67
CA CYS C 273 7.35 49.85 0.50
C CYS C 273 7.52 51.16 -0.23
N GLU C 274 7.33 51.15 -1.54
CA GLU C 274 7.52 52.35 -2.36
C GLU C 274 6.17 52.81 -2.91
N HIS C 275 5.73 53.98 -2.49
CA HIS C 275 4.57 54.65 -3.07
C HIS C 275 5.06 55.73 -4.02
N GLY C 276 4.35 55.87 -5.15
CA GLY C 276 4.75 56.82 -6.17
C GLY C 276 5.86 56.29 -7.05
N GLU C 277 5.84 56.68 -8.32
CA GLU C 277 6.82 56.25 -9.32
C GLU C 277 6.99 54.74 -9.29
N GLU C 278 5.90 54.03 -9.58
CA GLU C 278 5.93 52.58 -9.60
C GLU C 278 6.93 52.11 -10.65
N ALA C 279 8.03 51.48 -10.18
CA ALA C 279 9.06 51.01 -11.10
C ALA C 279 8.48 50.00 -12.09
N SER C 280 7.77 49.01 -11.59
CA SER C 280 7.08 48.04 -12.42
C SER C 280 5.68 48.56 -12.74
N GLU C 281 5.32 48.53 -14.04
CA GLU C 281 4.01 48.99 -14.46
C GLU C 281 2.89 48.16 -13.84
N ALA C 282 3.19 46.91 -13.48
CA ALA C 282 2.26 46.01 -12.79
C ALA C 282 2.93 45.58 -11.49
N LYS C 283 2.93 46.46 -10.50
CA LYS C 283 3.52 46.16 -9.21
C LYS C 283 2.51 45.47 -8.29
N CYS C 284 3.02 44.80 -7.28
CA CYS C 284 2.18 44.10 -6.33
C CYS C 284 2.00 44.92 -5.06
N ARG C 285 0.96 44.60 -4.31
CA ARG C 285 0.65 45.30 -3.07
C ARG C 285 0.33 44.29 -1.99
N CYS C 286 1.05 44.33 -0.87
CA CYS C 286 0.80 43.42 0.24
C CYS C 286 0.01 44.11 1.34
N SER C 287 -0.90 43.37 1.97
CA SER C 287 -1.65 43.89 3.09
C SER C 287 -1.71 42.84 4.19
N LEU C 288 -1.96 43.34 5.40
CA LEU C 288 -2.11 42.49 6.57
C LEU C 288 -3.41 41.69 6.48
N VAL C 289 -3.33 40.41 6.84
CA VAL C 289 -4.50 39.56 6.84
C VAL C 289 -5.31 39.83 8.10
N HIS C 290 -6.63 39.72 7.98
CA HIS C 290 -7.51 40.05 9.08
C HIS C 290 -7.50 38.91 10.07
N LYS C 291 -6.76 39.06 11.16
CA LYS C 291 -6.73 38.07 12.23
C LYS C 291 -6.16 38.74 13.46
N PRO C 292 -6.54 38.28 14.66
CA PRO C 292 -6.05 38.93 15.88
C PRO C 292 -4.59 38.64 16.17
N GLY C 293 -3.94 37.82 15.37
CA GLY C 293 -2.55 37.55 15.61
C GLY C 293 -2.34 36.08 15.93
N GLU C 294 -1.27 35.80 16.65
CA GLU C 294 -0.92 34.45 17.03
C GLU C 294 -1.29 34.22 18.48
N VAL C 295 -1.87 33.08 18.76
CA VAL C 295 -2.40 32.82 20.10
C VAL C 295 -1.33 32.16 20.94
N VAL C 296 -1.16 32.64 22.15
CA VAL C 296 -0.24 32.08 23.13
C VAL C 296 -1.10 31.58 24.26
N VAL C 297 -1.07 30.28 24.49
CA VAL C 297 -1.91 29.69 25.52
C VAL C 297 -1.13 29.61 26.82
N SER C 298 -1.78 30.03 27.90
CA SER C 298 -1.23 29.88 29.24
C SER C 298 -1.98 28.76 29.92
N TYR C 299 -1.26 27.73 30.34
CA TYR C 299 -1.89 26.54 30.85
C TYR C 299 -0.89 25.77 31.68
N GLY C 300 -1.36 25.23 32.80
CA GLY C 300 -0.51 24.48 33.72
C GLY C 300 0.68 25.27 34.19
N GLY C 301 0.50 26.58 34.43
CA GLY C 301 1.59 27.45 34.79
C GLY C 301 2.61 27.68 33.71
N MET C 302 2.25 27.39 32.45
CA MET C 302 3.17 27.52 31.32
C MET C 302 2.54 28.33 30.21
N ARG C 303 3.38 28.89 29.36
CA ARG C 303 2.97 29.64 28.19
C ARG C 303 3.40 28.88 26.95
N VAL C 304 2.48 28.64 26.03
CA VAL C 304 2.77 27.87 24.84
C VAL C 304 2.32 28.64 23.61
N ARG C 305 3.09 28.52 22.53
CA ARG C 305 2.59 28.90 21.22
C ARG C 305 2.24 27.63 20.48
N PRO C 306 0.97 27.25 20.41
CA PRO C 306 0.59 25.95 19.84
C PRO C 306 0.40 26.02 18.33
N LYS C 307 0.39 24.83 17.72
CA LYS C 307 0.01 24.71 16.31
C LYS C 307 -1.43 25.15 16.12
N CYS C 308 -2.35 24.54 16.86
CA CYS C 308 -3.73 24.96 16.81
C CYS C 308 -4.26 25.15 18.20
N TYR C 309 -5.14 26.13 18.32
CA TYR C 309 -5.91 26.36 19.53
C TYR C 309 -7.37 26.32 19.12
N GLY C 310 -8.16 25.53 19.82
CA GLY C 310 -9.52 25.34 19.40
C GLY C 310 -10.43 24.98 20.55
N PHE C 311 -11.72 25.18 20.31
CA PHE C 311 -12.78 24.63 21.13
C PHE C 311 -13.62 23.81 20.17
N SER C 312 -13.70 22.52 20.39
CA SER C 312 -14.44 21.76 19.42
C SER C 312 -14.93 20.47 20.04
N ARG C 313 -15.82 19.80 19.32
CA ARG C 313 -16.46 18.59 19.80
C ARG C 313 -15.56 17.41 19.46
N MET C 314 -15.20 16.63 20.46
CA MET C 314 -14.56 15.36 20.22
C MET C 314 -15.39 14.27 20.87
N MET C 315 -14.93 13.03 20.76
CA MET C 315 -15.58 11.90 21.41
C MET C 315 -14.75 11.46 22.59
N ALA C 316 -15.35 11.46 23.75
CA ALA C 316 -14.66 11.04 24.96
C ALA C 316 -15.48 9.97 25.64
N THR C 317 -14.80 9.04 26.28
CA THR C 317 -15.51 8.14 27.15
C THR C 317 -15.36 8.63 28.58
N LEU C 318 -16.35 8.30 29.40
CA LEU C 318 -16.44 8.77 30.77
C LEU C 318 -16.18 7.61 31.72
N GLU C 319 -15.54 7.90 32.85
CA GLU C 319 -15.23 6.87 33.82
C GLU C 319 -16.48 6.45 34.58
N VAL C 320 -16.63 5.15 34.80
CA VAL C 320 -17.73 4.62 35.60
C VAL C 320 -17.44 4.87 37.07
N ASN C 321 -18.45 5.34 37.80
CA ASN C 321 -18.33 5.55 39.24
C ASN C 321 -19.29 4.67 40.03
#